data_7REU
#
_entry.id   7REU
#
_cell.length_a   121.355
_cell.length_b   121.355
_cell.length_c   205.585
_cell.angle_alpha   90.000
_cell.angle_beta   90.000
_cell.angle_gamma   90.000
#
_symmetry.space_group_name_H-M   'I 4 2 2'
#
loop_
_entity.id
_entity.type
_entity.pdbx_description
1 polymer '3-deoxy-D-arabino-heptulosonate-7-phosphate (DAHP) synthase'
2 non-polymer TYROSINE
3 non-polymer 'PHOSPHATE ION'
4 non-polymer GLYCEROL
5 non-polymer 'CHLORIDE ION'
6 water water
#
_entity_poly.entity_id   1
_entity_poly.type   'polypeptide(L)'
_entity_poly.pdbx_seq_one_letter_code
;MSQTPIPEEYDDTRIMGYDPLIPPALLQNEIKASKKSLETVIKGRVDASRIIGGKDDRCLVIVGPCSIHDPEAALEYANR
LKKISEELENDLVIIMRAYLEKPRTTVGWKGLINDPNVDNSFDINKGLRVSRKLYADLTGAVGIPIGSEMLDTISPQYFS
DLLSFGAVGARTTESQLHRELASGLSFPIGFKNGTDGNVGVALDAVQASSKGHHFMGVTKNGLAAITTTKGNDHCFIILR
GGKNLTNYDLQSVQSAKSAIAKSSNPNIKIMIDCSHDNSKKDYRNQPAVLEDVSRQIEAGENALMGVMIESNINEGKQSM
PSGNEGKSALKYGVSITDSCVSWDTTVKMLNNLARAVQKRRQKNGST
;
_entity_poly.pdbx_strand_id   A,B
#
# COMPACT_ATOMS: atom_id res chain seq x y z
N PRO A 5 -2.70 36.89 -4.69
CA PRO A 5 -3.21 36.31 -5.92
C PRO A 5 -2.29 35.23 -6.48
N ILE A 6 -2.73 33.98 -6.41
CA ILE A 6 -1.96 32.83 -6.87
C ILE A 6 -2.82 32.07 -7.88
N PRO A 7 -2.34 31.86 -9.13
CA PRO A 7 -3.19 31.40 -10.22
C PRO A 7 -3.39 29.88 -10.27
N GLU A 8 -3.77 29.30 -9.14
CA GLU A 8 -4.07 27.86 -9.04
C GLU A 8 -2.92 27.01 -9.57
N GLU A 9 -1.69 27.48 -9.37
CA GLU A 9 -0.49 26.70 -9.65
C GLU A 9 -0.01 25.95 -8.41
N TYR A 10 -0.87 25.80 -7.41
CA TYR A 10 -0.58 25.04 -6.20
C TYR A 10 -1.36 23.74 -6.13
N ASP A 11 -2.26 23.49 -7.08
CA ASP A 11 -3.15 22.34 -7.05
C ASP A 11 -3.02 21.57 -8.35
N ASP A 12 -2.86 20.25 -8.23
CA ASP A 12 -2.83 19.35 -9.39
C ASP A 12 -1.73 19.73 -10.38
N THR A 13 -0.59 20.18 -9.85
CA THR A 13 0.52 20.55 -10.72
C THR A 13 1.09 19.36 -11.46
N ARG A 14 0.89 18.14 -10.96
CA ARG A 14 1.32 16.92 -11.63
C ARG A 14 0.15 16.05 -12.06
N ILE A 15 -1.03 16.64 -12.22
CA ILE A 15 -2.22 15.92 -12.68
C ILE A 15 -2.50 16.37 -14.11
N MET A 16 -2.23 15.48 -15.08
CA MET A 16 -2.50 15.81 -16.48
C MET A 16 -3.99 15.98 -16.74
N GLY A 17 -4.82 15.20 -16.05
CA GLY A 17 -6.26 15.31 -16.21
C GLY A 17 -7.04 14.24 -15.47
N TYR A 18 -8.32 14.50 -15.24
CA TYR A 18 -9.22 13.52 -14.61
C TYR A 18 -10.13 12.92 -15.67
N ASP A 19 -10.37 11.61 -15.55
CA ASP A 19 -11.36 10.92 -16.37
C ASP A 19 -12.41 10.32 -15.44
N PRO A 20 -13.59 10.93 -15.32
CA PRO A 20 -14.58 10.43 -14.38
C PRO A 20 -15.08 9.04 -14.78
N LEU A 21 -15.26 8.19 -13.77
CA LEU A 21 -15.72 6.83 -13.97
C LEU A 21 -17.24 6.77 -14.04
N ILE A 22 -17.73 5.71 -14.66
CA ILE A 22 -19.16 5.41 -14.59
C ILE A 22 -19.49 4.90 -13.19
N PRO A 23 -20.58 5.34 -12.57
CA PRO A 23 -20.90 4.89 -11.21
C PRO A 23 -21.09 3.39 -11.18
N PRO A 24 -20.53 2.72 -10.16
CA PRO A 24 -20.61 1.25 -10.13
C PRO A 24 -22.02 0.69 -10.16
N ALA A 25 -22.97 1.34 -9.48
CA ALA A 25 -24.34 0.85 -9.48
C ALA A 25 -24.93 0.84 -10.89
N LEU A 26 -24.44 1.72 -11.76
CA LEU A 26 -24.95 1.77 -13.13
C LEU A 26 -24.29 0.74 -14.02
N LEU A 27 -22.98 0.50 -13.83
CA LEU A 27 -22.32 -0.57 -14.56
C LEU A 27 -22.85 -1.93 -14.14
N GLN A 28 -23.18 -2.10 -12.86
CA GLN A 28 -23.77 -3.34 -12.39
C GLN A 28 -25.18 -3.54 -12.93
N ASN A 29 -25.85 -2.47 -13.35
CA ASN A 29 -27.18 -2.57 -13.94
C ASN A 29 -27.14 -2.73 -15.45
N GLU A 30 -26.16 -2.10 -16.10
CA GLU A 30 -26.03 -2.27 -17.55
C GLU A 30 -25.53 -3.67 -17.90
N ILE A 31 -24.51 -4.15 -17.19
CA ILE A 31 -24.08 -5.54 -17.29
C ILE A 31 -24.49 -6.24 -16.01
N LYS A 32 -25.65 -6.88 -16.02
CA LYS A 32 -26.20 -7.49 -14.82
C LYS A 32 -25.58 -8.86 -14.57
N ALA A 33 -25.54 -9.24 -13.30
CA ALA A 33 -25.03 -10.54 -12.88
C ALA A 33 -26.18 -11.53 -12.92
N SER A 34 -26.09 -12.51 -13.84
CA SER A 34 -27.14 -13.50 -13.99
C SER A 34 -27.23 -14.37 -12.74
N LYS A 35 -28.36 -15.09 -12.63
CA LYS A 35 -28.54 -15.98 -11.49
C LYS A 35 -27.51 -17.11 -11.49
N LYS A 36 -27.21 -17.66 -12.67
CA LYS A 36 -26.17 -18.67 -12.76
C LYS A 36 -24.80 -18.10 -12.40
N SER A 37 -24.60 -16.81 -12.64
CA SER A 37 -23.34 -16.17 -12.27
C SER A 37 -23.20 -16.09 -10.76
N LEU A 38 -24.20 -15.55 -10.08
CA LEU A 38 -24.13 -15.44 -8.62
C LEU A 38 -24.11 -16.81 -7.95
N GLU A 39 -24.73 -17.81 -8.57
CA GLU A 39 -24.64 -19.17 -8.04
C GLU A 39 -23.20 -19.67 -8.06
N THR A 40 -22.48 -19.38 -9.15
CA THR A 40 -21.08 -19.80 -9.24
C THR A 40 -20.21 -19.00 -8.27
N VAL A 41 -20.51 -17.71 -8.10
CA VAL A 41 -19.68 -16.85 -7.25
C VAL A 41 -19.81 -17.28 -5.79
N ILE A 42 -21.03 -17.53 -5.33
CA ILE A 42 -21.24 -17.93 -3.94
C ILE A 42 -20.66 -19.33 -3.71
N LYS A 43 -20.85 -20.25 -4.67
CA LYS A 43 -20.31 -21.59 -4.53
C LYS A 43 -18.78 -21.56 -4.47
N GLY A 44 -18.16 -20.68 -5.25
CA GLY A 44 -16.71 -20.57 -5.21
C GLY A 44 -16.20 -20.04 -3.88
N ARG A 45 -16.89 -19.06 -3.31
CA ARG A 45 -16.50 -18.52 -2.02
C ARG A 45 -16.64 -19.58 -0.92
N VAL A 46 -17.74 -20.33 -0.93
CA VAL A 46 -17.97 -21.33 0.10
C VAL A 46 -16.97 -22.47 -0.02
N ASP A 47 -16.77 -22.97 -1.25
CA ASP A 47 -15.86 -24.10 -1.45
C ASP A 47 -14.44 -23.75 -1.04
N ALA A 48 -13.99 -22.54 -1.37
CA ALA A 48 -12.66 -22.12 -0.95
C ALA A 48 -12.60 -21.93 0.57
N SER A 49 -13.66 -21.36 1.15
CA SER A 49 -13.65 -21.10 2.59
C SER A 49 -13.60 -22.39 3.40
N ARG A 50 -14.20 -23.47 2.90
CA ARG A 50 -14.15 -24.74 3.62
C ARG A 50 -12.72 -25.29 3.66
N ILE A 51 -11.96 -25.08 2.58
CA ILE A 51 -10.58 -25.55 2.55
C ILE A 51 -9.70 -24.66 3.43
N ILE A 52 -9.97 -23.35 3.43
CA ILE A 52 -9.18 -22.44 4.26
C ILE A 52 -9.43 -22.71 5.74
N GLY A 53 -10.70 -22.82 6.13
CA GLY A 53 -11.07 -23.04 7.52
C GLY A 53 -10.75 -24.42 8.06
N GLY A 54 -10.19 -25.31 7.25
CA GLY A 54 -9.87 -26.65 7.71
C GLY A 54 -11.04 -27.60 7.79
N LYS A 55 -12.16 -27.26 7.15
CA LYS A 55 -13.34 -28.12 7.14
C LYS A 55 -13.43 -29.00 5.91
N ASP A 56 -12.48 -28.88 4.98
CA ASP A 56 -12.47 -29.67 3.76
C ASP A 56 -11.03 -30.05 3.43
N ASP A 57 -10.83 -31.31 3.05
CA ASP A 57 -9.49 -31.82 2.75
C ASP A 57 -9.10 -31.63 1.29
N ARG A 58 -9.93 -30.99 0.48
CA ARG A 58 -9.59 -30.73 -0.90
C ARG A 58 -8.50 -29.65 -0.99
N CYS A 59 -8.00 -29.44 -2.20
CA CYS A 59 -6.98 -28.44 -2.46
C CYS A 59 -7.55 -27.32 -3.31
N LEU A 60 -7.34 -26.08 -2.88
CA LEU A 60 -7.77 -24.91 -3.63
C LEU A 60 -6.70 -24.56 -4.66
N VAL A 61 -7.06 -24.64 -5.94
CA VAL A 61 -6.13 -24.40 -7.03
C VAL A 61 -6.50 -23.11 -7.73
N ILE A 62 -5.61 -22.12 -7.67
CA ILE A 62 -5.75 -20.87 -8.40
C ILE A 62 -4.91 -21.00 -9.66
N VAL A 63 -5.55 -21.29 -10.78
CA VAL A 63 -4.86 -21.53 -12.05
C VAL A 63 -5.44 -20.61 -13.10
N GLY A 64 -4.56 -20.04 -13.93
CA GLY A 64 -4.98 -19.16 -14.99
C GLY A 64 -3.83 -18.35 -15.54
N PRO A 65 -4.08 -17.59 -16.60
CA PRO A 65 -3.02 -16.77 -17.19
C PRO A 65 -2.63 -15.63 -16.26
N CYS A 66 -1.37 -15.20 -16.40
CA CYS A 66 -0.88 -14.09 -15.59
C CYS A 66 -1.71 -12.83 -15.80
N SER A 67 -2.21 -12.62 -17.00
CA SER A 67 -3.07 -11.48 -17.30
C SER A 67 -4.02 -11.87 -18.43
N ILE A 68 -5.22 -11.30 -18.39
CA ILE A 68 -6.24 -11.56 -19.41
C ILE A 68 -6.24 -10.38 -20.38
N HIS A 69 -5.96 -10.66 -21.64
CA HIS A 69 -5.95 -9.66 -22.70
C HIS A 69 -6.99 -9.91 -23.78
N ASP A 70 -7.27 -11.17 -24.11
CA ASP A 70 -8.25 -11.51 -25.13
C ASP A 70 -9.46 -12.15 -24.47
N PRO A 71 -10.61 -11.48 -24.45
CA PRO A 71 -11.80 -12.10 -23.83
C PRO A 71 -12.20 -13.42 -24.46
N GLU A 72 -12.13 -13.52 -25.80
CA GLU A 72 -12.54 -14.74 -26.47
C GLU A 72 -11.55 -15.88 -26.23
N ALA A 73 -10.26 -15.57 -26.15
CA ALA A 73 -9.29 -16.60 -25.83
C ALA A 73 -9.42 -17.05 -24.38
N ALA A 74 -9.83 -16.16 -23.48
CA ALA A 74 -10.00 -16.53 -22.08
C ALA A 74 -11.28 -17.35 -21.89
N LEU A 75 -12.33 -17.03 -22.63
CA LEU A 75 -13.57 -17.79 -22.53
C LEU A 75 -13.40 -19.21 -23.04
N GLU A 76 -12.56 -19.42 -24.05
CA GLU A 76 -12.27 -20.77 -24.51
C GLU A 76 -11.38 -21.51 -23.52
N TYR A 77 -10.52 -20.78 -22.80
CA TYR A 77 -9.71 -21.41 -21.76
C TYR A 77 -10.57 -21.88 -20.60
N ALA A 78 -11.57 -21.07 -20.21
CA ALA A 78 -12.42 -21.43 -19.08
C ALA A 78 -13.27 -22.66 -19.39
N ASN A 79 -13.69 -22.84 -20.64
CA ASN A 79 -14.45 -24.04 -20.99
C ASN A 79 -13.59 -25.29 -20.80
N ARG A 80 -12.31 -25.20 -21.17
CA ARG A 80 -11.39 -26.31 -20.90
C ARG A 80 -11.19 -26.50 -19.40
N LEU A 81 -11.14 -25.40 -18.65
CA LEU A 81 -10.86 -25.48 -17.22
C LEU A 81 -12.06 -25.92 -16.40
N LYS A 82 -13.28 -25.65 -16.88
CA LYS A 82 -14.46 -26.11 -16.15
C LYS A 82 -14.66 -27.60 -16.31
N LYS A 83 -14.35 -28.15 -17.48
CA LYS A 83 -14.43 -29.59 -17.68
C LYS A 83 -13.55 -30.32 -16.69
N ILE A 84 -12.25 -30.00 -16.67
CA ILE A 84 -11.33 -30.65 -15.75
C ILE A 84 -11.67 -30.34 -14.30
N SER A 85 -12.36 -29.24 -14.03
CA SER A 85 -12.77 -28.94 -12.66
C SER A 85 -13.85 -29.89 -12.18
N GLU A 86 -14.76 -30.29 -13.08
CA GLU A 86 -15.81 -31.21 -12.70
C GLU A 86 -15.28 -32.63 -12.53
N GLU A 87 -14.28 -33.01 -13.31
CA GLU A 87 -13.72 -34.36 -13.21
C GLU A 87 -12.96 -34.54 -11.89
N LEU A 88 -12.23 -33.52 -11.46
CA LEU A 88 -11.47 -33.56 -10.22
C LEU A 88 -12.17 -32.79 -9.10
N GLU A 89 -13.50 -32.84 -9.07
CA GLU A 89 -14.25 -32.11 -8.06
C GLU A 89 -14.09 -32.73 -6.67
N ASN A 90 -13.83 -34.04 -6.60
CA ASN A 90 -13.70 -34.70 -5.31
C ASN A 90 -12.42 -34.33 -4.58
N ASP A 91 -11.40 -33.86 -5.30
CA ASP A 91 -10.10 -33.56 -4.69
C ASP A 91 -9.66 -32.12 -4.88
N LEU A 92 -10.10 -31.43 -5.92
CA LEU A 92 -9.62 -30.10 -6.26
C LEU A 92 -10.78 -29.11 -6.34
N VAL A 93 -10.53 -27.89 -5.86
CA VAL A 93 -11.44 -26.77 -6.07
C VAL A 93 -10.69 -25.76 -6.94
N ILE A 94 -11.12 -25.65 -8.19
CA ILE A 94 -10.42 -24.85 -9.19
C ILE A 94 -11.12 -23.49 -9.30
N ILE A 95 -10.34 -22.43 -9.09
CA ILE A 95 -10.79 -21.07 -9.30
C ILE A 95 -9.89 -20.44 -10.35
N MET A 96 -10.48 -20.00 -11.46
CA MET A 96 -9.68 -19.45 -12.55
C MET A 96 -9.10 -18.10 -12.15
N ARG A 97 -7.81 -17.92 -12.45
CA ARG A 97 -7.15 -16.65 -12.23
C ARG A 97 -7.51 -15.71 -13.37
N ALA A 98 -8.26 -14.66 -13.08
CA ALA A 98 -8.74 -13.71 -14.08
C ALA A 98 -8.20 -12.33 -13.73
N TYR A 99 -6.88 -12.16 -13.85
CA TYR A 99 -6.23 -10.93 -13.47
C TYR A 99 -6.27 -9.95 -14.63
N LEU A 100 -6.64 -8.70 -14.35
CA LEU A 100 -6.85 -7.71 -15.39
C LEU A 100 -5.58 -6.98 -15.81
N GLU A 101 -4.64 -6.76 -14.88
CA GLU A 101 -3.36 -6.15 -15.22
C GLU A 101 -2.28 -6.74 -14.35
N LYS A 102 -1.03 -6.43 -14.68
CA LYS A 102 0.11 -6.93 -13.93
C LYS A 102 0.59 -5.93 -12.89
N GLY A 108 4.33 -2.32 -21.30
CA GLY A 108 4.04 -3.33 -22.30
C GLY A 108 2.56 -3.68 -22.38
N TRP A 109 1.88 -3.63 -21.24
CA TRP A 109 0.46 -3.97 -21.18
C TRP A 109 -0.13 -3.30 -19.95
N LYS A 110 -0.88 -2.21 -20.18
CA LYS A 110 -1.45 -1.46 -19.07
C LYS A 110 -2.60 -2.19 -18.40
N GLY A 111 -3.17 -3.20 -19.04
CA GLY A 111 -4.23 -4.00 -18.47
C GLY A 111 -5.51 -3.91 -19.27
N LEU A 112 -6.44 -4.80 -18.92
CA LEU A 112 -7.72 -4.86 -19.63
C LEU A 112 -8.62 -3.68 -19.26
N ILE A 113 -8.53 -3.20 -18.01
CA ILE A 113 -9.33 -2.04 -17.63
C ILE A 113 -8.73 -0.74 -18.16
N ASN A 114 -7.44 -0.71 -18.44
CA ASN A 114 -6.80 0.48 -18.98
C ASN A 114 -6.80 0.51 -20.51
N ASP A 115 -6.78 -0.66 -21.15
CA ASP A 115 -6.63 -0.76 -22.59
C ASP A 115 -7.39 -1.99 -23.07
N PRO A 116 -8.66 -1.82 -23.47
CA PRO A 116 -9.43 -3.00 -23.89
C PRO A 116 -9.02 -3.52 -25.26
N ASN A 117 -8.58 -2.66 -26.16
CA ASN A 117 -8.28 -3.05 -27.53
C ASN A 117 -6.83 -3.49 -27.74
N VAL A 118 -6.01 -3.45 -26.69
CA VAL A 118 -4.60 -3.84 -26.76
C VAL A 118 -3.90 -3.03 -27.83
N ASP A 119 -4.27 -1.75 -27.99
CA ASP A 119 -3.64 -0.87 -28.95
C ASP A 119 -3.09 0.39 -28.29
N ASN A 120 -2.68 0.27 -27.02
CA ASN A 120 -1.97 1.33 -26.30
C ASN A 120 -2.78 2.62 -26.20
N SER A 121 -4.09 2.50 -26.09
CA SER A 121 -4.96 3.65 -25.90
C SER A 121 -5.41 3.70 -24.45
N PHE A 122 -6.40 4.55 -24.15
CA PHE A 122 -6.93 4.66 -22.80
C PHE A 122 -8.41 4.99 -22.86
N ASP A 123 -9.26 4.00 -22.58
CA ASP A 123 -10.71 4.18 -22.48
C ASP A 123 -11.14 3.43 -21.22
N ILE A 124 -11.08 4.12 -20.08
CA ILE A 124 -11.31 3.47 -18.79
C ILE A 124 -12.74 2.96 -18.68
N ASN A 125 -13.69 3.62 -19.35
CA ASN A 125 -15.08 3.18 -19.28
C ASN A 125 -15.30 1.94 -20.15
N LYS A 126 -14.77 1.95 -21.37
CA LYS A 126 -14.84 0.75 -22.21
C LYS A 126 -14.10 -0.41 -21.57
N GLY A 127 -13.05 -0.13 -20.79
CA GLY A 127 -12.35 -1.20 -20.10
C GLY A 127 -13.17 -1.82 -18.99
N LEU A 128 -13.94 -1.01 -18.26
CA LEU A 128 -14.76 -1.54 -17.19
C LEU A 128 -15.89 -2.41 -17.74
N ARG A 129 -16.46 -2.00 -18.88
CA ARG A 129 -17.52 -2.81 -19.49
C ARG A 129 -16.97 -4.11 -20.05
N VAL A 130 -15.80 -4.06 -20.68
CA VAL A 130 -15.20 -5.27 -21.24
C VAL A 130 -14.78 -6.23 -20.14
N SER A 131 -14.17 -5.70 -19.07
CA SER A 131 -13.71 -6.57 -17.98
C SER A 131 -14.88 -7.17 -17.21
N ARG A 132 -15.95 -6.38 -16.99
CA ARG A 132 -17.07 -6.90 -16.23
C ARG A 132 -17.90 -7.88 -17.05
N LYS A 133 -18.16 -7.57 -18.33
CA LYS A 133 -18.86 -8.51 -19.19
C LYS A 133 -18.08 -9.80 -19.33
N LEU A 134 -16.75 -9.73 -19.33
CA LEU A 134 -15.93 -10.93 -19.29
C LEU A 134 -16.16 -11.69 -17.99
N TYR A 135 -16.17 -10.98 -16.87
CA TYR A 135 -16.40 -11.62 -15.58
C TYR A 135 -17.79 -12.22 -15.52
N ALA A 136 -18.78 -11.56 -16.13
CA ALA A 136 -20.13 -12.10 -16.14
C ALA A 136 -20.24 -13.33 -17.03
N ASP A 137 -19.38 -13.45 -18.04
CA ASP A 137 -19.42 -14.60 -18.92
C ASP A 137 -18.72 -15.81 -18.32
N LEU A 138 -17.61 -15.59 -17.60
CA LEU A 138 -16.90 -16.69 -16.97
C LEU A 138 -17.75 -17.34 -15.88
N THR A 139 -18.42 -16.51 -15.06
CA THR A 139 -19.25 -17.04 -13.99
C THR A 139 -20.62 -17.48 -14.47
N GLY A 140 -21.05 -17.01 -15.65
CA GLY A 140 -22.39 -17.32 -16.13
C GLY A 140 -22.43 -18.21 -17.35
N ALA A 141 -21.84 -17.74 -18.46
CA ALA A 141 -21.90 -18.50 -19.71
C ALA A 141 -21.30 -19.89 -19.55
N VAL A 142 -20.06 -19.96 -19.08
CA VAL A 142 -19.45 -21.25 -18.80
C VAL A 142 -19.72 -21.71 -17.37
N GLY A 143 -19.44 -20.85 -16.39
CA GLY A 143 -19.79 -21.16 -15.01
C GLY A 143 -18.62 -21.62 -14.17
N ILE A 144 -17.58 -20.80 -14.06
CA ILE A 144 -16.39 -21.15 -13.29
C ILE A 144 -16.05 -19.99 -12.36
N PRO A 145 -15.76 -20.24 -11.09
CA PRO A 145 -15.40 -19.14 -10.19
C PRO A 145 -14.06 -18.52 -10.58
N ILE A 146 -13.94 -17.21 -10.32
CA ILE A 146 -12.77 -16.46 -10.74
C ILE A 146 -12.22 -15.67 -9.56
N GLY A 147 -10.94 -15.33 -9.67
CA GLY A 147 -10.27 -14.52 -8.66
C GLY A 147 -9.39 -13.49 -9.32
N SER A 148 -9.26 -12.34 -8.65
CA SER A 148 -8.51 -11.22 -9.18
C SER A 148 -7.55 -10.69 -8.13
N GLU A 149 -6.67 -9.80 -8.58
CA GLU A 149 -5.75 -9.10 -7.69
C GLU A 149 -6.40 -7.83 -7.16
N MET A 150 -6.21 -7.57 -5.87
CA MET A 150 -6.80 -6.40 -5.22
C MET A 150 -5.77 -5.28 -5.22
N LEU A 151 -5.98 -4.29 -6.09
CA LEU A 151 -4.99 -3.25 -6.34
C LEU A 151 -5.29 -1.93 -5.63
N ASP A 152 -6.56 -1.59 -5.46
CA ASP A 152 -6.93 -0.34 -4.80
C ASP A 152 -8.29 -0.53 -4.13
N THR A 153 -8.83 0.56 -3.60
CA THR A 153 -10.09 0.53 -2.84
C THR A 153 -11.28 1.00 -3.67
N ILE A 154 -11.10 1.23 -4.98
CA ILE A 154 -12.16 1.72 -5.83
C ILE A 154 -12.56 0.70 -6.88
N SER A 155 -11.59 0.05 -7.53
CA SER A 155 -11.90 -0.96 -8.54
C SER A 155 -12.75 -2.12 -8.02
N PRO A 156 -12.57 -2.65 -6.81
CA PRO A 156 -13.41 -3.77 -6.38
C PRO A 156 -14.90 -3.50 -6.39
N GLN A 157 -15.31 -2.22 -6.35
CA GLN A 157 -16.74 -1.91 -6.40
C GLN A 157 -17.37 -2.20 -7.76
N TYR A 158 -16.57 -2.57 -8.76
CA TYR A 158 -17.08 -2.88 -10.08
C TYR A 158 -17.11 -4.37 -10.37
N PHE A 159 -16.44 -5.20 -9.57
CA PHE A 159 -16.31 -6.62 -9.84
C PHE A 159 -16.56 -7.51 -8.64
N SER A 160 -16.88 -6.95 -7.47
CA SER A 160 -16.93 -7.75 -6.25
C SER A 160 -18.08 -8.76 -6.27
N ASP A 161 -19.19 -8.43 -6.93
CA ASP A 161 -20.30 -9.37 -7.01
C ASP A 161 -20.01 -10.54 -7.95
N LEU A 162 -18.89 -10.52 -8.66
CA LEU A 162 -18.52 -11.58 -9.57
C LEU A 162 -17.22 -12.28 -9.19
N LEU A 163 -16.62 -11.92 -8.06
CA LEU A 163 -15.34 -12.48 -7.63
C LEU A 163 -15.55 -13.44 -6.47
N SER A 164 -14.79 -14.53 -6.48
CA SER A 164 -14.81 -15.51 -5.41
C SER A 164 -13.50 -15.59 -4.64
N PHE A 165 -12.46 -14.91 -5.10
CA PHE A 165 -11.15 -14.98 -4.48
C PHE A 165 -10.38 -13.70 -4.80
N GLY A 166 -9.59 -13.26 -3.84
CA GLY A 166 -8.77 -12.07 -4.02
C GLY A 166 -7.37 -12.30 -3.50
N ALA A 167 -6.39 -11.79 -4.25
CA ALA A 167 -4.98 -11.91 -3.89
C ALA A 167 -4.39 -10.53 -3.64
N VAL A 168 -3.60 -10.42 -2.58
CA VAL A 168 -2.82 -9.22 -2.29
C VAL A 168 -1.36 -9.56 -2.58
N GLY A 169 -0.77 -8.82 -3.52
CA GLY A 169 0.57 -9.13 -3.97
C GLY A 169 1.62 -8.99 -2.88
N ALA A 170 2.84 -9.42 -3.23
CA ALA A 170 3.94 -9.39 -2.27
C ALA A 170 4.30 -7.96 -1.87
N ARG A 171 4.13 -7.00 -2.79
CA ARG A 171 4.51 -5.62 -2.53
C ARG A 171 3.43 -4.82 -1.83
N THR A 172 2.28 -5.42 -1.53
CA THR A 172 1.21 -4.74 -0.81
C THR A 172 0.73 -5.49 0.42
N THR A 173 1.34 -6.63 0.75
CA THR A 173 0.92 -7.37 1.94
C THR A 173 1.10 -6.54 3.20
N GLU A 174 2.15 -5.72 3.26
CA GLU A 174 2.39 -4.86 4.42
C GLU A 174 1.56 -3.59 4.39
N SER A 175 0.98 -3.25 3.24
CA SER A 175 0.25 -1.99 3.10
C SER A 175 -0.98 -2.01 4.00
N GLN A 176 -1.02 -1.07 4.96
CA GLN A 176 -2.16 -0.97 5.86
C GLN A 176 -3.45 -0.73 5.11
N LEU A 177 -3.40 0.03 4.01
CA LEU A 177 -4.60 0.30 3.23
C LEU A 177 -5.18 -0.97 2.63
N HIS A 178 -4.32 -1.87 2.13
CA HIS A 178 -4.81 -3.12 1.56
C HIS A 178 -5.32 -4.07 2.65
N ARG A 179 -4.74 -4.02 3.85
CA ARG A 179 -5.25 -4.83 4.94
C ARG A 179 -6.63 -4.35 5.37
N GLU A 180 -6.87 -3.04 5.32
CA GLU A 180 -8.19 -2.51 5.64
C GLU A 180 -9.21 -2.95 4.60
N LEU A 181 -8.85 -2.87 3.31
CA LEU A 181 -9.77 -3.28 2.26
C LEU A 181 -10.06 -4.77 2.33
N ALA A 182 -9.05 -5.58 2.62
CA ALA A 182 -9.26 -7.02 2.78
C ALA A 182 -10.30 -7.31 3.85
N SER A 183 -10.34 -6.49 4.91
CA SER A 183 -11.33 -6.66 5.96
C SER A 183 -12.75 -6.35 5.50
N GLY A 184 -12.93 -5.83 4.29
CA GLY A 184 -14.25 -5.48 3.82
C GLY A 184 -14.64 -6.13 2.50
N LEU A 185 -13.82 -7.06 2.02
CA LEU A 185 -14.12 -7.76 0.78
C LEU A 185 -14.96 -9.00 1.04
N SER A 186 -15.83 -9.32 0.09
CA SER A 186 -16.87 -10.33 0.26
C SER A 186 -16.40 -11.73 -0.09
N PHE A 187 -15.10 -11.96 -0.24
CA PHE A 187 -14.57 -13.25 -0.64
C PHE A 187 -13.28 -13.52 0.13
N PRO A 188 -12.84 -14.78 0.17
CA PRO A 188 -11.56 -15.08 0.83
C PRO A 188 -10.40 -14.36 0.17
N ILE A 189 -9.39 -14.05 0.97
CA ILE A 189 -8.24 -13.26 0.54
C ILE A 189 -6.97 -14.04 0.82
N GLY A 190 -6.01 -13.96 -0.10
CA GLY A 190 -4.71 -14.59 0.10
C GLY A 190 -3.57 -13.58 0.09
N PHE A 191 -2.76 -13.61 1.14
CA PHE A 191 -1.64 -12.68 1.30
C PHE A 191 -0.35 -13.37 0.92
N LYS A 192 0.35 -12.84 -0.08
CA LYS A 192 1.63 -13.40 -0.49
C LYS A 192 2.73 -12.95 0.46
N ASN A 193 3.74 -13.80 0.64
CA ASN A 193 4.86 -13.45 1.48
C ASN A 193 5.68 -12.33 0.85
N GLY A 194 6.50 -11.69 1.67
CA GLY A 194 7.28 -10.55 1.22
C GLY A 194 8.22 -10.91 0.09
N THR A 195 8.70 -9.85 -0.58
CA THR A 195 9.58 -10.02 -1.73
C THR A 195 10.95 -10.60 -1.36
N ASP A 196 11.29 -10.64 -0.08
CA ASP A 196 12.55 -11.24 0.38
C ASP A 196 12.33 -12.60 1.02
N GLY A 197 11.14 -13.17 0.92
CA GLY A 197 10.83 -14.43 1.56
C GLY A 197 10.21 -14.30 2.94
N ASN A 198 9.87 -13.09 3.37
CA ASN A 198 9.33 -12.87 4.72
C ASN A 198 7.95 -13.49 4.83
N VAL A 199 7.81 -14.45 5.74
CA VAL A 199 6.51 -15.05 6.01
C VAL A 199 5.73 -14.26 7.06
N GLY A 200 6.43 -13.61 8.00
CA GLY A 200 5.76 -12.96 9.11
C GLY A 200 4.82 -11.84 8.68
N VAL A 201 5.22 -11.06 7.67
CA VAL A 201 4.37 -9.96 7.23
C VAL A 201 3.03 -10.46 6.70
N ALA A 202 3.01 -11.69 6.18
CA ALA A 202 1.75 -12.26 5.69
C ALA A 202 0.86 -12.71 6.84
N LEU A 203 1.45 -13.27 7.90
CA LEU A 203 0.67 -13.61 9.09
C LEU A 203 0.13 -12.37 9.76
N ASP A 204 0.91 -11.27 9.75
CA ASP A 204 0.41 -10.01 10.28
C ASP A 204 -0.77 -9.49 9.47
N ALA A 205 -0.74 -9.69 8.16
CA ALA A 205 -1.84 -9.24 7.32
C ALA A 205 -3.12 -10.03 7.59
N VAL A 206 -2.99 -11.35 7.77
CA VAL A 206 -4.15 -12.18 8.06
C VAL A 206 -4.79 -11.76 9.38
N GLN A 207 -3.97 -11.48 10.39
CA GLN A 207 -4.50 -11.09 11.69
C GLN A 207 -5.14 -9.70 11.64
N ALA A 208 -4.53 -8.76 10.91
CA ALA A 208 -5.07 -7.41 10.84
C ALA A 208 -6.38 -7.37 10.06
N SER A 209 -6.49 -8.18 9.01
CA SER A 209 -7.69 -8.15 8.17
C SER A 209 -8.88 -8.81 8.84
N SER A 210 -8.66 -9.60 9.90
CA SER A 210 -9.74 -10.22 10.63
C SER A 210 -10.51 -9.24 11.52
N LYS A 211 -10.02 -8.02 11.66
CA LYS A 211 -10.64 -7.01 12.49
C LYS A 211 -11.38 -6.00 11.62
N GLY A 212 -12.43 -5.39 12.19
CA GLY A 212 -13.11 -4.32 11.50
C GLY A 212 -12.22 -3.10 11.36
N HIS A 213 -12.41 -2.39 10.25
CA HIS A 213 -11.52 -1.28 9.92
C HIS A 213 -12.30 -0.18 9.21
N HIS A 214 -11.62 0.93 8.97
CA HIS A 214 -12.14 2.06 8.20
C HIS A 214 -11.18 2.35 7.06
N PHE A 215 -11.68 2.25 5.83
CA PHE A 215 -10.88 2.62 4.65
C PHE A 215 -11.66 3.60 3.80
N MET A 216 -10.93 4.29 2.93
CA MET A 216 -11.50 5.32 2.06
C MET A 216 -11.79 4.71 0.70
N GLY A 217 -13.07 4.58 0.37
CA GLY A 217 -13.52 4.06 -0.89
C GLY A 217 -14.57 4.97 -1.51
N VAL A 218 -15.44 4.36 -2.32
CA VAL A 218 -16.54 5.08 -2.94
C VAL A 218 -17.83 4.29 -2.74
N THR A 219 -18.94 5.00 -2.72
CA THR A 219 -20.24 4.36 -2.68
C THR A 219 -20.54 3.72 -4.04
N LYS A 220 -21.66 2.99 -4.10
CA LYS A 220 -22.06 2.38 -5.36
C LYS A 220 -22.45 3.42 -6.40
N ASN A 221 -22.70 4.65 -5.99
CA ASN A 221 -22.96 5.75 -6.91
C ASN A 221 -21.72 6.56 -7.22
N GLY A 222 -20.56 6.17 -6.70
CA GLY A 222 -19.31 6.83 -7.02
C GLY A 222 -18.92 7.98 -6.13
N LEU A 223 -19.45 8.05 -4.91
CA LEU A 223 -19.17 9.14 -4.00
C LEU A 223 -18.08 8.75 -3.01
N ALA A 224 -17.09 9.62 -2.85
CA ALA A 224 -16.06 9.40 -1.85
C ALA A 224 -16.69 9.24 -0.48
N ALA A 225 -16.37 8.13 0.19
CA ALA A 225 -16.96 7.81 1.48
C ALA A 225 -15.99 6.93 2.25
N ILE A 226 -16.04 7.03 3.57
CA ILE A 226 -15.27 6.15 4.44
C ILE A 226 -16.13 4.93 4.76
N THR A 227 -15.51 3.76 4.71
CA THR A 227 -16.21 2.48 4.82
C THR A 227 -15.93 1.84 6.17
N THR A 228 -16.96 1.28 6.78
CA THR A 228 -16.82 0.51 8.01
C THR A 228 -16.94 -0.98 7.68
N THR A 229 -15.94 -1.75 8.09
CA THR A 229 -15.85 -3.16 7.75
C THR A 229 -16.18 -4.05 8.94
N LYS A 230 -16.45 -5.33 8.65
CA LYS A 230 -16.73 -6.33 9.68
C LYS A 230 -15.53 -7.18 10.02
N GLY A 231 -14.53 -7.26 9.15
CA GLY A 231 -13.40 -8.14 9.35
C GLY A 231 -13.51 -9.40 8.52
N ASN A 232 -12.40 -9.86 7.95
CA ASN A 232 -12.37 -11.03 7.08
C ASN A 232 -11.66 -12.17 7.80
N ASP A 233 -12.43 -13.18 8.21
CA ASP A 233 -11.91 -14.34 8.91
C ASP A 233 -11.52 -15.47 7.96
N HIS A 234 -11.59 -15.24 6.64
CA HIS A 234 -11.26 -16.24 5.63
C HIS A 234 -10.05 -15.75 4.86
N CYS A 235 -8.86 -15.89 5.46
CA CYS A 235 -7.63 -15.42 4.84
C CYS A 235 -6.54 -16.46 5.05
N PHE A 236 -5.52 -16.40 4.18
CA PHE A 236 -4.44 -17.36 4.19
C PHE A 236 -3.19 -16.71 3.60
N ILE A 237 -2.07 -17.41 3.72
CA ILE A 237 -0.78 -16.92 3.24
C ILE A 237 -0.34 -17.75 2.04
N ILE A 238 0.41 -17.11 1.14
CA ILE A 238 0.89 -17.73 -0.08
C ILE A 238 2.40 -17.60 -0.13
N LEU A 239 3.09 -18.73 -0.24
CA LEU A 239 4.55 -18.75 -0.34
C LEU A 239 4.95 -18.66 -1.81
N ARG A 240 5.49 -17.51 -2.21
CA ARG A 240 5.91 -17.29 -3.58
C ARG A 240 7.41 -17.09 -3.71
N GLY A 241 8.17 -17.30 -2.63
CA GLY A 241 9.61 -17.16 -2.68
C GLY A 241 10.06 -15.70 -2.64
N GLY A 242 11.38 -15.53 -2.55
CA GLY A 242 12.00 -14.23 -2.55
C GLY A 242 12.75 -13.97 -3.85
N LYS A 243 13.29 -12.75 -3.92
CA LYS A 243 14.04 -12.34 -5.11
C LYS A 243 15.29 -13.16 -5.32
N ASN A 244 15.81 -13.79 -4.26
CA ASN A 244 17.00 -14.63 -4.36
C ASN A 244 16.78 -16.06 -3.87
N LEU A 245 15.56 -16.41 -3.47
CA LEU A 245 15.32 -17.70 -2.84
C LEU A 245 14.00 -18.29 -3.32
N THR A 246 13.86 -19.59 -3.10
CA THR A 246 12.60 -20.31 -3.30
C THR A 246 12.20 -20.96 -1.99
N ASN A 247 10.90 -20.89 -1.66
CA ASN A 247 10.43 -21.39 -0.38
C ASN A 247 9.31 -22.41 -0.55
N TYR A 248 9.34 -23.21 -1.61
CA TYR A 248 8.37 -24.26 -1.83
C TYR A 248 8.81 -25.60 -1.24
N ASP A 249 10.07 -25.73 -0.84
CA ASP A 249 10.60 -26.99 -0.36
C ASP A 249 10.11 -27.27 1.07
N LEU A 250 10.43 -28.48 1.53
CA LEU A 250 9.92 -28.93 2.83
C LEU A 250 10.50 -28.09 3.97
N GLN A 251 11.81 -27.82 3.95
CA GLN A 251 12.42 -27.06 5.03
C GLN A 251 11.83 -25.65 5.13
N SER A 252 11.36 -25.09 4.01
CA SER A 252 10.75 -23.77 4.05
C SER A 252 9.32 -23.83 4.56
N VAL A 253 8.59 -24.90 4.20
CA VAL A 253 7.23 -25.07 4.72
C VAL A 253 7.27 -25.30 6.22
N GLN A 254 8.22 -26.12 6.69
CA GLN A 254 8.38 -26.32 8.13
C GLN A 254 8.73 -25.00 8.82
N SER A 255 9.55 -24.17 8.17
CA SER A 255 9.85 -22.86 8.74
C SER A 255 8.60 -22.00 8.81
N ALA A 256 7.76 -22.05 7.79
CA ALA A 256 6.50 -21.31 7.84
C ALA A 256 5.54 -21.92 8.85
N LYS A 257 5.52 -23.25 8.95
CA LYS A 257 4.64 -23.90 9.92
C LYS A 257 5.03 -23.54 11.35
N SER A 258 6.34 -23.39 11.60
CA SER A 258 6.78 -22.97 12.93
C SER A 258 6.39 -21.52 13.21
N ALA A 259 6.49 -20.65 12.20
CA ALA A 259 6.10 -19.26 12.38
C ALA A 259 4.60 -19.13 12.62
N ILE A 260 3.80 -19.99 12.01
CA ILE A 260 2.35 -19.95 12.22
C ILE A 260 2.01 -20.40 13.62
N ALA A 261 2.73 -21.41 14.13
CA ALA A 261 2.44 -21.94 15.46
C ALA A 261 2.65 -20.91 16.56
N LYS A 262 3.47 -19.89 16.33
CA LYS A 262 3.72 -18.84 17.31
C LYS A 262 2.93 -17.56 17.03
N SER A 263 1.98 -17.61 16.10
CA SER A 263 1.22 -16.44 15.69
C SER A 263 -0.11 -16.39 16.43
N SER A 264 -0.86 -15.32 16.17
CA SER A 264 -2.20 -15.16 16.75
C SER A 264 -3.26 -16.01 16.07
N ASN A 265 -2.91 -16.67 14.96
CA ASN A 265 -3.84 -17.55 14.24
C ASN A 265 -3.12 -18.83 13.89
N PRO A 266 -3.01 -19.77 14.83
CA PRO A 266 -2.22 -20.98 14.59
C PRO A 266 -2.89 -21.98 13.67
N ASN A 267 -4.02 -21.60 13.08
CA ASN A 267 -4.74 -22.45 12.15
C ASN A 267 -4.58 -21.99 10.70
N ILE A 268 -3.69 -21.06 10.44
CA ILE A 268 -3.50 -20.54 9.09
C ILE A 268 -2.91 -21.62 8.20
N LYS A 269 -3.51 -21.81 7.02
CA LYS A 269 -3.02 -22.76 6.03
C LYS A 269 -2.19 -22.05 4.97
N ILE A 270 -1.43 -22.84 4.22
CA ILE A 270 -0.42 -22.32 3.30
C ILE A 270 -0.78 -22.71 1.88
N MET A 271 -0.72 -21.74 0.97
CA MET A 271 -0.77 -21.97 -0.47
C MET A 271 0.60 -21.70 -1.05
N ILE A 272 0.98 -22.47 -2.06
CA ILE A 272 2.31 -22.39 -2.65
C ILE A 272 2.19 -21.91 -4.09
N ASP A 273 2.75 -20.74 -4.37
CA ASP A 273 2.85 -20.27 -5.74
C ASP A 273 3.93 -21.08 -6.46
N CYS A 274 3.53 -21.77 -7.53
CA CYS A 274 4.47 -22.57 -8.30
C CYS A 274 5.19 -21.78 -9.38
N SER A 275 4.76 -20.55 -9.65
CA SER A 275 5.36 -19.70 -10.67
C SER A 275 6.12 -18.56 -9.98
N HIS A 276 6.44 -17.54 -10.77
CA HIS A 276 7.10 -16.31 -10.28
C HIS A 276 8.47 -16.70 -9.72
N ASP A 277 8.82 -16.30 -8.49
CA ASP A 277 10.16 -16.54 -7.98
C ASP A 277 10.39 -17.98 -7.53
N ASN A 278 9.33 -18.74 -7.26
CA ASN A 278 9.51 -20.13 -6.88
C ASN A 278 9.97 -20.98 -8.06
N SER A 279 9.65 -20.55 -9.28
CA SER A 279 10.09 -21.24 -10.50
C SER A 279 11.21 -20.48 -11.21
N LYS A 280 11.82 -19.51 -10.54
CA LYS A 280 12.83 -18.62 -11.14
C LYS A 280 12.29 -17.94 -12.40
N LYS A 281 10.99 -17.61 -12.38
CA LYS A 281 10.28 -16.98 -13.50
C LYS A 281 10.36 -17.81 -14.78
N ASP A 282 10.67 -19.09 -14.67
CA ASP A 282 10.76 -20.00 -15.82
C ASP A 282 9.62 -21.01 -15.72
N TYR A 283 8.81 -21.10 -16.78
CA TYR A 283 7.64 -21.95 -16.74
C TYR A 283 7.98 -23.44 -16.74
N ARG A 284 9.17 -23.81 -17.23
CA ARG A 284 9.56 -25.21 -17.25
C ARG A 284 9.80 -25.75 -15.84
N ASN A 285 10.13 -24.89 -14.89
CA ASN A 285 10.30 -25.31 -13.50
C ASN A 285 8.98 -25.40 -12.74
N GLN A 286 7.89 -24.92 -13.34
CA GLN A 286 6.59 -24.98 -12.67
C GLN A 286 6.12 -26.40 -12.39
N PRO A 287 6.19 -27.35 -13.34
CA PRO A 287 5.78 -28.73 -12.98
C PRO A 287 6.68 -29.37 -11.95
N ALA A 288 7.99 -29.12 -12.01
CA ALA A 288 8.89 -29.69 -11.02
C ALA A 288 8.64 -29.12 -9.63
N VAL A 289 8.21 -27.86 -9.54
CA VAL A 289 7.86 -27.29 -8.25
C VAL A 289 6.61 -27.95 -7.69
N LEU A 290 5.61 -28.19 -8.55
CA LEU A 290 4.38 -28.82 -8.09
C LEU A 290 4.64 -30.24 -7.59
N GLU A 291 5.57 -30.95 -8.21
CA GLU A 291 5.91 -32.30 -7.76
C GLU A 291 6.39 -32.29 -6.32
N ASP A 292 7.17 -31.27 -5.93
CA ASP A 292 7.68 -31.21 -4.58
C ASP A 292 6.56 -30.99 -3.57
N VAL A 293 5.72 -29.98 -3.79
CA VAL A 293 4.64 -29.70 -2.86
C VAL A 293 3.62 -30.84 -2.86
N SER A 294 3.38 -31.44 -4.03
CA SER A 294 2.47 -32.58 -4.10
C SER A 294 2.97 -33.74 -3.25
N ARG A 295 4.28 -34.00 -3.28
CA ARG A 295 4.82 -35.08 -2.47
C ARG A 295 4.75 -34.75 -0.98
N GLN A 296 4.93 -33.48 -0.62
CA GLN A 296 4.72 -33.06 0.75
C GLN A 296 3.28 -33.32 1.18
N ILE A 297 2.33 -32.96 0.32
CA ILE A 297 0.93 -33.26 0.58
C ILE A 297 0.72 -34.78 0.65
N GLU A 298 1.31 -35.51 -0.29
CA GLU A 298 1.13 -36.96 -0.33
C GLU A 298 1.61 -37.63 0.95
N ALA A 299 2.66 -37.10 1.58
CA ALA A 299 3.14 -37.67 2.83
C ALA A 299 2.16 -37.47 3.98
N GLY A 300 1.26 -36.50 3.88
CA GLY A 300 0.25 -36.29 4.90
C GLY A 300 0.23 -34.90 5.50
N GLU A 301 0.91 -33.95 4.86
CA GLU A 301 0.98 -32.59 5.36
C GLU A 301 -0.36 -31.90 5.13
N ASN A 302 -1.14 -31.75 6.21
CA ASN A 302 -2.45 -31.13 6.11
C ASN A 302 -2.40 -29.61 6.15
N ALA A 303 -1.28 -29.03 6.60
CA ALA A 303 -1.15 -27.58 6.59
C ALA A 303 -1.07 -27.01 5.18
N LEU A 304 -0.62 -27.80 4.21
CA LEU A 304 -0.59 -27.36 2.82
C LEU A 304 -2.01 -27.35 2.27
N MET A 305 -2.45 -26.20 1.77
CA MET A 305 -3.84 -25.97 1.39
C MET A 305 -4.07 -25.95 -0.11
N GLY A 306 -3.17 -25.33 -0.88
CA GLY A 306 -3.37 -25.27 -2.31
C GLY A 306 -2.12 -24.80 -3.02
N VAL A 307 -2.29 -24.50 -4.31
CA VAL A 307 -1.19 -24.04 -5.16
C VAL A 307 -1.71 -22.96 -6.11
N MET A 308 -0.75 -22.26 -6.71
CA MET A 308 -1.03 -21.27 -7.75
C MET A 308 -0.26 -21.66 -9.00
N ILE A 309 -0.95 -21.64 -10.14
CA ILE A 309 -0.37 -22.07 -11.42
C ILE A 309 -0.64 -21.01 -12.46
N GLU A 310 0.43 -20.54 -13.11
CA GLU A 310 0.30 -19.62 -14.24
C GLU A 310 0.23 -20.45 -15.50
N SER A 311 -0.98 -20.72 -15.97
CA SER A 311 -1.22 -21.59 -17.10
C SER A 311 -1.94 -20.82 -18.21
N ASN A 312 -1.91 -21.38 -19.42
CA ASN A 312 -2.51 -20.75 -20.58
C ASN A 312 -2.84 -21.84 -21.60
N ILE A 313 -3.46 -21.42 -22.70
CA ILE A 313 -3.76 -22.35 -23.79
C ILE A 313 -2.46 -22.87 -24.40
N ASN A 314 -1.48 -21.99 -24.57
CA ASN A 314 -0.16 -22.36 -25.07
C ASN A 314 0.90 -21.82 -24.12
N GLU A 315 1.99 -22.58 -23.98
CA GLU A 315 3.07 -22.20 -23.09
C GLU A 315 3.85 -21.03 -23.67
N GLY A 316 4.71 -20.45 -22.83
CA GLY A 316 5.59 -19.39 -23.26
C GLY A 316 4.99 -18.00 -23.10
N LYS A 317 5.68 -17.04 -23.71
CA LYS A 317 5.27 -15.65 -23.65
C LYS A 317 5.72 -14.93 -24.91
N GLN A 318 4.91 -13.96 -25.33
CA GLN A 318 5.22 -13.16 -26.51
C GLN A 318 5.28 -11.68 -26.16
N SER A 319 5.11 -10.82 -27.16
CA SER A 319 5.07 -9.38 -26.93
C SER A 319 3.92 -8.73 -27.69
N MET A 320 3.88 -7.41 -27.71
CA MET A 320 2.81 -6.67 -28.37
C MET A 320 3.39 -5.57 -29.24
N ALA A 329 -1.31 -8.65 -34.81
CA ALA A 329 -0.15 -9.51 -35.03
C ALA A 329 0.38 -10.04 -33.70
N LEU A 330 -0.32 -11.02 -33.13
CA LEU A 330 0.07 -11.62 -31.86
C LEU A 330 -0.44 -13.05 -31.82
N LYS A 331 0.33 -13.93 -31.17
CA LYS A 331 -0.02 -15.34 -31.12
C LYS A 331 -1.27 -15.55 -30.28
N TYR A 332 -2.08 -16.53 -30.68
CA TYR A 332 -3.35 -16.82 -30.02
C TYR A 332 -3.11 -17.77 -28.86
N GLY A 333 -3.73 -17.47 -27.71
CA GLY A 333 -3.60 -18.31 -26.54
C GLY A 333 -2.27 -18.25 -25.84
N VAL A 334 -1.43 -17.28 -26.16
CA VAL A 334 -0.11 -17.14 -25.55
C VAL A 334 -0.11 -15.89 -24.68
N SER A 335 0.48 -16.01 -23.49
CA SER A 335 0.50 -14.90 -22.55
C SER A 335 1.38 -13.78 -23.06
N ILE A 336 1.03 -12.55 -22.64
CA ILE A 336 1.84 -11.37 -22.98
C ILE A 336 2.68 -10.88 -21.81
N THR A 337 2.45 -11.41 -20.61
CA THR A 337 3.14 -10.96 -19.41
C THR A 337 3.68 -12.16 -18.64
N ASP A 338 4.89 -12.00 -18.09
CA ASP A 338 5.58 -13.04 -17.32
C ASP A 338 5.65 -14.30 -18.17
N SER A 339 5.24 -15.46 -17.67
CA SER A 339 5.45 -16.71 -18.39
C SER A 339 4.47 -17.76 -17.90
N CYS A 340 3.85 -18.48 -18.83
CA CYS A 340 2.82 -19.47 -18.53
C CYS A 340 3.22 -20.84 -19.03
N VAL A 341 2.50 -21.85 -18.56
CA VAL A 341 2.69 -23.22 -19.00
C VAL A 341 1.59 -23.58 -19.99
N SER A 342 1.79 -24.69 -20.70
CA SER A 342 0.82 -25.13 -21.70
C SER A 342 -0.37 -25.81 -21.03
N TRP A 343 -1.44 -26.00 -21.81
CA TRP A 343 -2.62 -26.67 -21.27
C TRP A 343 -2.37 -28.17 -21.11
N ASP A 344 -1.73 -28.80 -22.11
CA ASP A 344 -1.36 -30.21 -21.97
C ASP A 344 -0.44 -30.42 -20.78
N THR A 345 0.40 -29.43 -20.47
CA THR A 345 1.16 -29.47 -19.22
C THR A 345 0.22 -29.37 -18.03
N THR A 346 -0.73 -28.43 -18.07
CA THR A 346 -1.56 -28.11 -16.91
C THR A 346 -2.39 -29.31 -16.46
N VAL A 347 -2.98 -30.05 -17.41
CA VAL A 347 -3.85 -31.16 -17.04
C VAL A 347 -3.05 -32.24 -16.31
N LYS A 348 -1.77 -32.40 -16.64
CA LYS A 348 -0.95 -33.36 -15.91
C LYS A 348 -0.62 -32.86 -14.51
N MET A 349 -0.35 -31.55 -14.36
CA MET A 349 -0.11 -30.99 -13.04
C MET A 349 -1.33 -31.16 -12.14
N LEU A 350 -2.52 -30.86 -12.67
CA LEU A 350 -3.74 -30.99 -11.88
C LEU A 350 -4.06 -32.45 -11.58
N ASN A 351 -3.74 -33.36 -12.49
CA ASN A 351 -4.01 -34.78 -12.26
C ASN A 351 -3.04 -35.35 -11.24
N ASN A 352 -1.76 -34.96 -11.32
CA ASN A 352 -0.79 -35.42 -10.33
C ASN A 352 -1.08 -34.84 -8.95
N LEU A 353 -1.62 -33.61 -8.90
CA LEU A 353 -2.00 -33.03 -7.61
C LEU A 353 -3.24 -33.69 -7.05
N ALA A 354 -4.20 -34.04 -7.92
CA ALA A 354 -5.44 -34.65 -7.47
C ALA A 354 -5.20 -36.01 -6.83
N ARG A 355 -4.18 -36.74 -7.29
CA ARG A 355 -3.84 -38.01 -6.64
C ARG A 355 -3.22 -37.78 -5.28
N ALA A 356 -2.40 -36.73 -5.14
CA ALA A 356 -1.77 -36.43 -3.86
C ALA A 356 -2.83 -36.12 -2.80
N VAL A 357 -3.89 -35.42 -3.18
CA VAL A 357 -4.99 -35.15 -2.24
C VAL A 357 -5.68 -36.46 -1.86
N GLN A 358 -5.81 -37.39 -2.82
CA GLN A 358 -6.39 -38.69 -2.52
C GLN A 358 -5.51 -39.46 -1.55
N LYS A 359 -4.19 -39.37 -1.72
CA LYS A 359 -3.29 -40.10 -0.84
C LYS A 359 -3.22 -39.46 0.55
N ARG A 360 -3.50 -38.17 0.65
CA ARG A 360 -3.44 -37.50 1.95
C ARG A 360 -4.56 -37.97 2.87
N ARG A 361 -5.80 -37.97 2.36
CA ARG A 361 -6.93 -38.41 3.18
C ARG A 361 -6.86 -39.91 3.47
N GLN A 362 -6.05 -40.66 2.72
CA GLN A 362 -5.82 -42.06 3.08
C GLN A 362 -5.02 -42.17 4.36
N LYS A 363 -4.04 -41.28 4.55
CA LYS A 363 -3.26 -41.25 5.78
C LYS A 363 -4.04 -40.64 6.93
N ASN A 364 -5.13 -39.92 6.66
CA ASN A 364 -5.95 -39.32 7.69
C ASN A 364 -7.08 -40.22 8.16
N GLY A 365 -7.35 -41.31 7.46
CA GLY A 365 -8.43 -42.22 7.83
C GLY A 365 -8.18 -42.97 9.12
N GLU B 8 -28.20 -9.46 -2.09
CA GLU B 8 -27.20 -8.96 -1.13
C GLU B 8 -26.75 -10.01 -0.10
N GLU B 9 -26.70 -11.28 -0.50
CA GLU B 9 -25.84 -12.24 0.17
C GLU B 9 -24.51 -12.40 -0.55
N TYR B 10 -24.23 -11.51 -1.51
CA TYR B 10 -23.02 -11.56 -2.31
C TYR B 10 -22.30 -10.22 -2.43
N ASP B 11 -22.95 -9.11 -2.06
CA ASP B 11 -22.35 -7.79 -2.17
C ASP B 11 -22.31 -7.13 -0.79
N ASP B 12 -21.15 -6.61 -0.42
CA ASP B 12 -20.96 -5.89 0.84
C ASP B 12 -21.30 -6.78 2.04
N THR B 13 -20.94 -8.07 1.96
CA THR B 13 -21.20 -8.97 3.06
C THR B 13 -20.35 -8.65 4.28
N ARG B 14 -19.24 -7.94 4.11
CA ARG B 14 -18.41 -7.49 5.22
C ARG B 14 -18.28 -5.98 5.27
N ILE B 15 -19.25 -5.26 4.70
CA ILE B 15 -19.31 -3.80 4.77
C ILE B 15 -20.45 -3.44 5.72
N MET B 16 -20.10 -2.78 6.83
CA MET B 16 -21.12 -2.42 7.82
C MET B 16 -21.90 -1.19 7.39
N GLY B 17 -21.23 -0.21 6.79
CA GLY B 17 -21.91 0.99 6.34
C GLY B 17 -20.98 2.02 5.72
N TYR B 18 -21.54 2.86 4.85
CA TYR B 18 -20.80 3.94 4.22
C TYR B 18 -21.11 5.26 4.90
N ASP B 19 -20.11 6.15 4.92
CA ASP B 19 -20.29 7.52 5.41
C ASP B 19 -19.86 8.47 4.31
N PRO B 20 -20.79 8.98 3.51
CA PRO B 20 -20.42 9.90 2.42
C PRO B 20 -19.61 11.09 2.93
N LEU B 21 -18.56 11.42 2.19
CA LEU B 21 -17.67 12.51 2.56
C LEU B 21 -18.14 13.82 1.95
N ILE B 22 -17.84 14.91 2.64
CA ILE B 22 -18.05 16.23 2.03
C ILE B 22 -17.14 16.34 0.81
N PRO B 23 -17.62 16.87 -0.32
CA PRO B 23 -16.76 17.01 -1.49
C PRO B 23 -15.55 17.88 -1.17
N PRO B 24 -14.38 17.56 -1.74
CA PRO B 24 -13.18 18.37 -1.44
C PRO B 24 -13.33 19.83 -1.81
N ALA B 25 -13.96 20.13 -2.94
CA ALA B 25 -14.16 21.53 -3.33
C ALA B 25 -15.01 22.27 -2.31
N LEU B 26 -15.96 21.59 -1.68
CA LEU B 26 -16.80 22.24 -0.67
C LEU B 26 -15.99 22.57 0.57
N LEU B 27 -15.14 21.66 1.01
CA LEU B 27 -14.29 21.94 2.17
C LEU B 27 -13.32 23.06 1.88
N GLN B 28 -12.75 23.08 0.67
CA GLN B 28 -11.87 24.17 0.27
C GLN B 28 -12.62 25.49 0.14
N ASN B 29 -13.94 25.44 -0.04
CA ASN B 29 -14.73 26.67 -0.07
C ASN B 29 -15.11 27.10 1.34
N GLU B 30 -15.29 26.15 2.26
CA GLU B 30 -15.57 26.50 3.65
C GLU B 30 -14.32 27.02 4.34
N ILE B 31 -13.25 26.23 4.33
CA ILE B 31 -11.97 26.66 4.88
C ILE B 31 -11.10 27.04 3.68
N LYS B 32 -11.22 28.31 3.29
CA LYS B 32 -10.44 28.86 2.19
C LYS B 32 -8.96 28.94 2.57
N ALA B 33 -8.10 28.73 1.57
CA ALA B 33 -6.67 28.87 1.76
C ALA B 33 -6.27 30.32 1.58
N SER B 34 -5.71 30.93 2.63
CA SER B 34 -5.36 32.33 2.60
C SER B 34 -4.28 32.60 1.55
N LYS B 35 -4.15 33.87 1.17
CA LYS B 35 -3.05 34.27 0.30
C LYS B 35 -1.70 34.00 0.97
N LYS B 36 -1.60 34.32 2.26
CA LYS B 36 -0.36 34.02 2.99
C LYS B 36 -0.20 32.53 3.21
N SER B 37 -1.30 31.80 3.37
CA SER B 37 -1.23 30.34 3.45
C SER B 37 -0.58 29.75 2.22
N LEU B 38 -1.06 30.14 1.03
CA LEU B 38 -0.50 29.64 -0.21
C LEU B 38 0.96 30.06 -0.36
N GLU B 39 1.27 31.33 -0.07
CA GLU B 39 2.65 31.80 -0.17
C GLU B 39 3.58 30.95 0.69
N THR B 40 3.12 30.51 1.86
CA THR B 40 3.92 29.62 2.69
C THR B 40 4.05 28.24 2.05
N VAL B 41 2.99 27.77 1.38
CA VAL B 41 3.01 26.42 0.83
C VAL B 41 3.96 26.35 -0.36
N ILE B 42 3.83 27.27 -1.31
CA ILE B 42 4.68 27.22 -2.51
C ILE B 42 6.15 27.39 -2.13
N LYS B 43 6.44 28.34 -1.24
CA LYS B 43 7.82 28.56 -0.83
C LYS B 43 8.40 27.32 -0.16
N GLY B 44 7.60 26.66 0.68
CA GLY B 44 8.07 25.44 1.30
C GLY B 44 8.38 24.35 0.30
N ARG B 45 7.60 24.28 -0.78
CA ARG B 45 7.82 23.24 -1.78
C ARG B 45 9.12 23.49 -2.54
N VAL B 46 9.35 24.73 -2.99
CA VAL B 46 10.55 25.01 -3.77
C VAL B 46 11.80 25.01 -2.88
N ASP B 47 11.66 25.48 -1.64
CA ASP B 47 12.79 25.43 -0.71
C ASP B 47 13.26 24.01 -0.49
N ALA B 48 12.32 23.09 -0.24
CA ALA B 48 12.65 21.67 -0.22
C ALA B 48 13.31 21.26 -1.54
N SER B 49 12.53 21.28 -2.64
CA SER B 49 12.98 20.73 -3.91
C SER B 49 14.40 21.14 -4.27
N ARG B 50 14.80 22.38 -3.96
CA ARG B 50 16.15 22.82 -4.24
C ARG B 50 17.18 22.00 -3.47
N ILE B 51 16.80 21.49 -2.29
CA ILE B 51 17.69 20.63 -1.54
C ILE B 51 17.71 19.21 -2.12
N ILE B 52 16.55 18.67 -2.52
CA ILE B 52 16.54 17.35 -3.16
C ILE B 52 17.38 17.36 -4.43
N GLY B 53 17.25 18.40 -5.24
CA GLY B 53 17.97 18.47 -6.51
C GLY B 53 19.44 18.84 -6.41
N GLY B 54 19.94 19.10 -5.21
CA GLY B 54 21.33 19.46 -5.05
C GLY B 54 21.68 20.89 -5.39
N LYS B 55 20.68 21.78 -5.45
CA LYS B 55 20.90 23.18 -5.77
C LYS B 55 21.05 24.05 -4.54
N ASP B 56 20.85 23.50 -3.34
CA ASP B 56 20.94 24.24 -2.09
C ASP B 56 21.56 23.34 -1.04
N ASP B 57 22.65 23.78 -0.43
CA ASP B 57 23.35 22.96 0.56
C ASP B 57 22.73 23.03 1.95
N ARG B 58 21.53 23.59 2.07
CA ARG B 58 20.84 23.62 3.35
C ARG B 58 20.33 22.23 3.70
N CYS B 59 19.77 22.10 4.90
CA CYS B 59 19.26 20.83 5.40
C CYS B 59 17.75 20.93 5.58
N LEU B 60 17.03 19.94 5.04
CA LEU B 60 15.58 19.87 5.17
C LEU B 60 15.22 19.13 6.45
N VAL B 61 14.53 19.82 7.36
CA VAL B 61 14.15 19.25 8.65
C VAL B 61 12.63 19.05 8.64
N ILE B 62 12.21 17.80 8.85
CA ILE B 62 10.81 17.46 9.06
C ILE B 62 10.67 17.16 10.55
N VAL B 63 10.21 18.15 11.32
CA VAL B 63 10.15 18.06 12.77
C VAL B 63 8.73 18.38 13.23
N GLY B 64 8.27 17.64 14.23
CA GLY B 64 6.94 17.85 14.78
C GLY B 64 6.44 16.64 15.51
N PRO B 65 5.23 16.71 16.05
CA PRO B 65 4.68 15.58 16.81
C PRO B 65 4.38 14.39 15.92
N CYS B 66 4.29 13.22 16.55
CA CYS B 66 3.92 12.02 15.82
C CYS B 66 2.52 12.14 15.24
N SER B 67 1.59 12.67 16.02
CA SER B 67 0.23 12.93 15.56
C SER B 67 -0.28 14.17 16.26
N ILE B 68 -1.14 14.92 15.58
CA ILE B 68 -1.69 16.15 16.11
C ILE B 68 -3.08 15.84 16.67
N HIS B 69 -3.19 15.79 18.00
CA HIS B 69 -4.47 15.58 18.66
C HIS B 69 -5.02 16.85 19.30
N ASP B 70 -4.23 17.89 19.45
CA ASP B 70 -4.66 19.15 20.07
C ASP B 70 -4.31 20.30 19.15
N PRO B 71 -5.28 20.86 18.43
CA PRO B 71 -4.98 21.99 17.55
C PRO B 71 -4.41 23.20 18.28
N GLU B 72 -4.86 23.45 19.51
CA GLU B 72 -4.33 24.59 20.27
C GLU B 72 -2.87 24.37 20.63
N ALA B 73 -2.50 23.15 21.00
CA ALA B 73 -1.10 22.87 21.32
C ALA B 73 -0.23 22.91 20.08
N ALA B 74 -0.77 22.44 18.94
CA ALA B 74 0.00 22.48 17.70
C ALA B 74 0.28 23.91 17.26
N LEU B 75 -0.67 24.81 17.49
CA LEU B 75 -0.47 26.20 17.08
C LEU B 75 0.62 26.87 17.91
N GLU B 76 0.71 26.54 19.19
CA GLU B 76 1.79 27.08 20.02
C GLU B 76 3.13 26.47 19.64
N TYR B 77 3.15 25.18 19.30
CA TYR B 77 4.39 24.56 18.85
C TYR B 77 4.88 25.18 17.55
N ALA B 78 3.96 25.48 16.63
CA ALA B 78 4.36 26.04 15.34
C ALA B 78 4.98 27.42 15.50
N ASN B 79 4.41 28.26 16.37
CA ASN B 79 4.98 29.59 16.58
C ASN B 79 6.39 29.49 17.15
N ARG B 80 6.62 28.54 18.06
CA ARG B 80 7.98 28.28 18.53
C ARG B 80 8.86 27.81 17.38
N LEU B 81 8.35 26.88 16.56
CA LEU B 81 9.11 26.37 15.44
C LEU B 81 9.37 27.45 14.39
N LYS B 82 8.40 28.35 14.19
CA LYS B 82 8.58 29.41 13.20
C LYS B 82 9.66 30.38 13.62
N LYS B 83 9.77 30.65 14.93
CA LYS B 83 10.79 31.58 15.41
C LYS B 83 12.18 31.02 15.20
N ILE B 84 12.39 29.75 15.55
CA ILE B 84 13.72 29.16 15.40
C ILE B 84 14.02 28.88 13.93
N SER B 85 12.98 28.65 13.12
CA SER B 85 13.22 28.45 11.69
C SER B 85 13.73 29.73 11.04
N GLU B 86 13.27 30.90 11.50
CA GLU B 86 13.79 32.16 10.98
C GLU B 86 15.20 32.42 11.48
N GLU B 87 15.53 31.95 12.69
CA GLU B 87 16.90 32.10 13.20
C GLU B 87 17.88 31.26 12.40
N LEU B 88 17.47 30.07 11.98
CA LEU B 88 18.34 29.14 11.28
C LEU B 88 17.97 29.01 9.81
N GLU B 89 17.39 30.05 9.22
CA GLU B 89 16.99 30.00 7.82
C GLU B 89 18.20 29.83 6.91
N ASN B 90 19.37 30.34 7.32
CA ASN B 90 20.57 30.22 6.49
C ASN B 90 21.06 28.79 6.38
N ASP B 91 20.73 27.93 7.34
CA ASP B 91 21.24 26.56 7.36
C ASP B 91 20.16 25.50 7.20
N LEU B 92 18.97 25.73 7.76
CA LEU B 92 17.92 24.71 7.78
C LEU B 92 16.68 25.19 7.05
N VAL B 93 16.01 24.25 6.39
CA VAL B 93 14.67 24.43 5.85
C VAL B 93 13.75 23.53 6.68
N ILE B 94 12.90 24.15 7.48
CA ILE B 94 12.10 23.44 8.47
C ILE B 94 10.66 23.31 7.97
N ILE B 95 10.16 22.07 7.94
CA ILE B 95 8.78 21.78 7.62
C ILE B 95 8.17 21.03 8.80
N MET B 96 7.04 21.53 9.30
CA MET B 96 6.43 20.95 10.50
C MET B 96 5.71 19.64 10.17
N ARG B 97 5.86 18.66 11.05
CA ARG B 97 5.12 17.41 10.95
C ARG B 97 3.69 17.65 11.41
N ALA B 98 2.75 17.51 10.48
CA ALA B 98 1.34 17.69 10.82
C ALA B 98 0.55 16.43 10.48
N TYR B 99 0.95 15.30 11.04
CA TYR B 99 0.32 14.03 10.73
C TYR B 99 -1.01 13.92 11.46
N LEU B 100 -2.07 13.63 10.70
CA LEU B 100 -3.42 13.60 11.23
C LEU B 100 -3.87 12.21 11.67
N GLU B 101 -3.04 11.19 11.46
CA GLU B 101 -3.46 9.82 11.71
C GLU B 101 -2.26 8.98 12.11
N LYS B 102 -2.36 8.26 13.22
CA LYS B 102 -1.40 7.22 13.52
C LYS B 102 -1.88 5.92 12.88
N PRO B 103 -1.13 5.34 11.96
CA PRO B 103 -1.63 4.16 11.26
C PRO B 103 -1.26 2.87 11.98
N ARG B 104 -1.47 1.74 11.30
CA ARG B 104 -1.08 0.43 11.81
C ARG B 104 -1.78 0.10 13.12
N THR B 105 -1.03 0.06 14.23
CA THR B 105 -1.49 -0.50 15.49
C THR B 105 -2.87 0.04 15.89
N THR B 106 -3.76 -0.88 16.26
CA THR B 106 -5.16 -0.56 16.54
C THR B 106 -5.39 -0.02 17.94
N VAL B 107 -4.42 -0.12 18.85
CA VAL B 107 -4.66 0.28 20.24
C VAL B 107 -4.61 1.80 20.32
N GLY B 108 -5.57 2.38 21.05
CA GLY B 108 -5.57 3.80 21.31
C GLY B 108 -6.23 4.68 20.26
N TRP B 109 -5.70 5.89 20.13
CA TRP B 109 -6.30 6.91 19.28
C TRP B 109 -6.29 6.48 17.81
N LYS B 110 -7.24 7.02 17.04
CA LYS B 110 -7.38 6.67 15.64
C LYS B 110 -7.05 7.81 14.69
N GLY B 111 -6.67 8.97 15.20
CA GLY B 111 -6.27 10.07 14.35
C GLY B 111 -7.25 11.24 14.42
N LEU B 112 -6.77 12.40 13.99
CA LEU B 112 -7.58 13.61 14.05
C LEU B 112 -8.72 13.57 13.05
N ILE B 113 -8.53 12.88 11.92
CA ILE B 113 -9.58 12.79 10.91
C ILE B 113 -10.76 11.96 11.43
N ASN B 114 -10.47 10.77 11.97
CA ASN B 114 -11.52 9.90 12.43
C ASN B 114 -12.07 10.30 13.80
N ASP B 115 -11.21 10.81 14.68
CA ASP B 115 -11.59 11.13 16.06
C ASP B 115 -11.06 12.52 16.39
N PRO B 116 -11.79 13.58 16.00
CA PRO B 116 -11.32 14.95 16.28
C PRO B 116 -11.55 15.36 17.72
N ASN B 117 -12.58 14.80 18.36
CA ASN B 117 -12.87 15.12 19.75
C ASN B 117 -11.99 14.37 20.73
N VAL B 118 -11.18 13.42 20.25
CA VAL B 118 -10.28 12.61 21.07
C VAL B 118 -11.08 11.94 22.19
N ASP B 119 -12.09 11.15 21.83
CA ASP B 119 -12.87 10.42 22.83
C ASP B 119 -13.49 9.19 22.20
N ASN B 120 -12.70 8.45 21.40
CA ASN B 120 -13.13 7.20 20.77
C ASN B 120 -14.41 7.39 19.95
N SER B 121 -14.50 8.52 19.28
CA SER B 121 -15.66 8.85 18.47
C SER B 121 -15.37 8.61 16.99
N PHE B 122 -16.42 8.76 16.18
CA PHE B 122 -16.29 8.65 14.72
C PHE B 122 -17.07 9.78 14.09
N ASP B 123 -16.36 10.73 13.50
CA ASP B 123 -16.97 11.90 12.88
C ASP B 123 -16.05 12.42 11.77
N ILE B 124 -16.05 11.75 10.62
CA ILE B 124 -15.05 12.05 9.60
C ILE B 124 -15.23 13.45 9.04
N ASN B 125 -16.49 13.89 8.86
CA ASN B 125 -16.72 15.22 8.30
C ASN B 125 -16.36 16.32 9.30
N LYS B 126 -16.63 16.09 10.58
CA LYS B 126 -16.15 17.01 11.61
C LYS B 126 -14.64 16.97 11.72
N GLY B 127 -14.03 15.79 11.54
CA GLY B 127 -12.59 15.70 11.58
C GLY B 127 -11.92 16.32 10.38
N LEU B 128 -12.55 16.24 9.20
CA LEU B 128 -12.00 16.87 8.02
C LEU B 128 -12.03 18.39 8.13
N ARG B 129 -13.08 18.94 8.75
CA ARG B 129 -13.14 20.38 8.99
C ARG B 129 -12.08 20.81 9.99
N VAL B 130 -11.88 20.03 11.06
CA VAL B 130 -10.90 20.38 12.08
C VAL B 130 -9.49 20.24 11.53
N SER B 131 -9.23 19.18 10.76
CA SER B 131 -7.89 18.97 10.22
C SER B 131 -7.55 20.04 9.20
N ARG B 132 -8.47 20.34 8.28
CA ARG B 132 -8.21 21.34 7.26
C ARG B 132 -8.00 22.72 7.88
N LYS B 133 -8.81 23.07 8.87
CA LYS B 133 -8.66 24.35 9.54
C LYS B 133 -7.30 24.45 10.23
N LEU B 134 -6.85 23.35 10.83
CA LEU B 134 -5.53 23.35 11.46
C LEU B 134 -4.44 23.56 10.42
N TYR B 135 -4.59 22.96 9.24
CA TYR B 135 -3.61 23.15 8.18
C TYR B 135 -3.59 24.60 7.70
N ALA B 136 -4.77 25.21 7.58
CA ALA B 136 -4.83 26.61 7.15
C ALA B 136 -4.24 27.54 8.19
N ASP B 137 -4.39 27.22 9.47
CA ASP B 137 -3.84 28.09 10.52
C ASP B 137 -2.33 27.97 10.59
N LEU B 138 -1.78 26.77 10.40
CA LEU B 138 -0.33 26.60 10.43
C LEU B 138 0.34 27.32 9.28
N THR B 139 -0.21 27.19 8.07
CA THR B 139 0.38 27.83 6.90
C THR B 139 0.06 29.32 6.82
N GLY B 140 -1.00 29.77 7.46
CA GLY B 140 -1.44 31.15 7.33
C GLY B 140 -1.23 32.00 8.56
N ALA B 141 -1.80 31.58 9.69
CA ALA B 141 -1.70 32.39 10.90
C ALA B 141 -0.27 32.53 11.38
N VAL B 142 0.48 31.42 11.38
CA VAL B 142 1.85 31.46 11.87
C VAL B 142 2.80 31.42 10.68
N GLY B 143 2.41 30.70 9.63
CA GLY B 143 3.16 30.71 8.38
C GLY B 143 4.34 29.77 8.36
N ILE B 144 4.09 28.49 8.63
CA ILE B 144 5.14 27.47 8.60
C ILE B 144 4.73 26.38 7.61
N PRO B 145 5.65 25.90 6.77
CA PRO B 145 5.30 24.77 5.89
C PRO B 145 5.02 23.53 6.71
N ILE B 146 4.13 22.69 6.18
CA ILE B 146 3.67 21.49 6.89
C ILE B 146 3.76 20.29 5.96
N GLY B 147 3.97 19.12 6.56
CA GLY B 147 4.04 17.89 5.81
C GLY B 147 3.19 16.81 6.46
N SER B 148 2.73 15.88 5.64
CA SER B 148 1.82 14.83 6.09
C SER B 148 2.23 13.49 5.50
N GLU B 149 1.58 12.43 5.96
CA GLU B 149 1.78 11.09 5.44
C GLU B 149 0.75 10.81 4.35
N MET B 150 1.21 10.22 3.24
CA MET B 150 0.34 9.91 2.11
C MET B 150 -0.16 8.47 2.29
N LEU B 151 -1.40 8.33 2.75
CA LEU B 151 -1.94 7.03 3.12
C LEU B 151 -2.85 6.42 2.06
N ASP B 152 -3.73 7.21 1.44
CA ASP B 152 -4.66 6.71 0.43
C ASP B 152 -4.68 7.69 -0.73
N THR B 153 -5.54 7.42 -1.71
CA THR B 153 -5.63 8.23 -2.91
C THR B 153 -6.86 9.15 -2.91
N ILE B 154 -7.57 9.25 -1.80
CA ILE B 154 -8.77 10.07 -1.70
C ILE B 154 -8.57 11.23 -0.73
N SER B 155 -8.02 10.95 0.46
CA SER B 155 -7.78 12.00 1.43
C SER B 155 -6.84 13.11 0.96
N PRO B 156 -5.77 12.84 0.17
CA PRO B 156 -4.91 13.95 -0.24
C PRO B 156 -5.64 15.05 -1.02
N GLN B 157 -6.76 14.72 -1.68
CA GLN B 157 -7.52 15.73 -2.39
C GLN B 157 -8.11 16.78 -1.46
N TYR B 158 -8.11 16.55 -0.15
CA TYR B 158 -8.65 17.50 0.80
C TYR B 158 -7.59 18.43 1.39
N PHE B 159 -6.31 18.06 1.33
CA PHE B 159 -5.26 18.86 1.95
C PHE B 159 -4.09 19.18 1.04
N SER B 160 -4.07 18.68 -0.20
CA SER B 160 -2.88 18.82 -1.04
C SER B 160 -2.59 20.28 -1.37
N ASP B 161 -3.60 21.13 -1.38
CA ASP B 161 -3.37 22.56 -1.64
C ASP B 161 -2.75 23.27 -0.45
N LEU B 162 -2.53 22.58 0.67
CA LEU B 162 -1.92 23.17 1.85
C LEU B 162 -0.69 22.41 2.31
N LEU B 163 -0.24 21.40 1.56
CA LEU B 163 0.89 20.57 1.95
C LEU B 163 2.13 20.94 1.16
N SER B 164 3.28 20.93 1.84
CA SER B 164 4.56 21.19 1.21
C SER B 164 5.44 19.95 1.12
N PHE B 165 5.07 18.86 1.80
CA PHE B 165 5.88 17.65 1.81
C PHE B 165 4.98 16.45 2.10
N GLY B 166 5.33 15.33 1.50
CA GLY B 166 4.61 14.09 1.74
C GLY B 166 5.56 12.95 2.02
N ALA B 167 5.10 12.01 2.84
CA ALA B 167 5.89 10.87 3.26
C ALA B 167 5.16 9.58 2.95
N VAL B 168 5.89 8.58 2.47
CA VAL B 168 5.37 7.24 2.24
C VAL B 168 6.03 6.30 3.25
N GLY B 169 5.22 5.67 4.08
CA GLY B 169 5.73 4.84 5.14
C GLY B 169 6.47 3.62 4.64
N ALA B 170 7.20 2.99 5.56
CA ALA B 170 8.01 1.82 5.21
C ALA B 170 7.13 0.67 4.71
N ARG B 171 5.90 0.57 5.19
CA ARG B 171 5.01 -0.52 4.80
C ARG B 171 4.29 -0.26 3.49
N THR B 172 4.52 0.89 2.85
CA THR B 172 3.86 1.21 1.60
C THR B 172 4.82 1.65 0.50
N THR B 173 6.13 1.62 0.75
CA THR B 173 7.09 2.03 -0.28
C THR B 173 7.05 1.10 -1.49
N GLU B 174 6.80 -0.19 -1.28
CA GLU B 174 6.74 -1.16 -2.36
C GLU B 174 5.40 -1.15 -3.10
N SER B 175 4.38 -0.48 -2.55
CA SER B 175 3.05 -0.53 -3.13
C SER B 175 2.98 0.29 -4.42
N GLN B 176 2.57 -0.35 -5.52
CA GLN B 176 2.41 0.36 -6.78
C GLN B 176 1.37 1.47 -6.67
N LEU B 177 0.36 1.28 -5.84
CA LEU B 177 -0.69 2.30 -5.69
C LEU B 177 -0.13 3.60 -5.14
N HIS B 178 0.71 3.49 -4.10
CA HIS B 178 1.32 4.69 -3.53
C HIS B 178 2.44 5.26 -4.40
N ARG B 179 3.05 4.42 -5.25
CA ARG B 179 4.01 4.94 -6.22
C ARG B 179 3.31 5.72 -7.32
N GLU B 180 2.13 5.25 -7.75
CA GLU B 180 1.35 6.01 -8.72
C GLU B 180 0.88 7.33 -8.13
N LEU B 181 0.40 7.30 -6.88
CA LEU B 181 -0.09 8.53 -6.24
C LEU B 181 1.03 9.56 -6.10
N ALA B 182 2.22 9.11 -5.70
CA ALA B 182 3.34 10.04 -5.56
C ALA B 182 3.68 10.72 -6.87
N SER B 183 3.47 10.04 -7.99
CA SER B 183 3.76 10.61 -9.30
C SER B 183 2.79 11.72 -9.70
N GLY B 184 1.76 11.98 -8.90
CA GLY B 184 0.80 13.02 -9.22
C GLY B 184 0.46 13.93 -8.07
N LEU B 185 1.42 14.13 -7.16
CA LEU B 185 1.25 15.02 -6.02
C LEU B 185 2.06 16.30 -6.23
N SER B 186 1.53 17.40 -5.71
CA SER B 186 2.09 18.73 -5.99
C SER B 186 3.19 19.13 -5.02
N PHE B 187 3.88 18.18 -4.39
CA PHE B 187 4.93 18.51 -3.44
C PHE B 187 5.93 17.36 -3.42
N PRO B 188 7.14 17.61 -2.89
CA PRO B 188 8.13 16.53 -2.81
C PRO B 188 7.67 15.39 -1.92
N ILE B 189 8.12 14.18 -2.27
CA ILE B 189 7.71 12.96 -1.58
C ILE B 189 8.96 12.22 -1.12
N GLY B 190 8.90 11.66 0.09
CA GLY B 190 10.02 10.90 0.62
C GLY B 190 9.68 9.45 0.91
N PHE B 191 10.41 8.53 0.29
CA PHE B 191 10.15 7.10 0.45
C PHE B 191 11.09 6.51 1.49
N LYS B 192 10.52 5.84 2.49
CA LYS B 192 11.30 5.22 3.54
C LYS B 192 11.69 3.80 3.14
N ASN B 193 12.85 3.36 3.64
CA ASN B 193 13.34 2.03 3.33
C ASN B 193 12.39 0.97 3.91
N GLY B 194 12.58 -0.26 3.44
CA GLY B 194 11.73 -1.36 3.89
C GLY B 194 11.83 -1.58 5.38
N THR B 195 10.80 -2.25 5.92
CA THR B 195 10.75 -2.53 7.35
C THR B 195 11.87 -3.46 7.81
N ASP B 196 12.59 -4.09 6.89
CA ASP B 196 13.76 -4.90 7.21
C ASP B 196 15.07 -4.15 6.95
N GLY B 197 15.00 -2.84 6.74
CA GLY B 197 16.17 -2.04 6.47
C GLY B 197 16.57 -1.95 5.00
N ASN B 198 15.81 -2.58 4.10
CA ASN B 198 16.20 -2.66 2.71
C ASN B 198 16.05 -1.30 2.03
N VAL B 199 17.15 -0.78 1.49
CA VAL B 199 17.13 0.51 0.81
C VAL B 199 16.71 0.38 -0.64
N GLY B 200 16.82 -0.81 -1.23
CA GLY B 200 16.56 -0.97 -2.65
C GLY B 200 15.13 -0.62 -3.04
N VAL B 201 14.16 -0.97 -2.18
CA VAL B 201 12.77 -0.65 -2.48
C VAL B 201 12.52 0.84 -2.46
N ALA B 202 13.35 1.61 -1.75
CA ALA B 202 13.20 3.05 -1.73
C ALA B 202 13.70 3.68 -3.03
N LEU B 203 14.84 3.21 -3.54
CA LEU B 203 15.34 3.68 -4.82
C LEU B 203 14.38 3.30 -5.95
N ASP B 204 13.81 2.09 -5.88
CA ASP B 204 12.87 1.66 -6.91
C ASP B 204 11.61 2.53 -6.89
N ALA B 205 11.18 2.99 -5.71
CA ALA B 205 9.99 3.81 -5.62
C ALA B 205 10.25 5.22 -6.17
N VAL B 206 11.39 5.81 -5.82
CA VAL B 206 11.74 7.13 -6.34
C VAL B 206 11.79 7.11 -7.87
N GLN B 207 12.24 5.99 -8.44
CA GLN B 207 12.32 5.90 -9.90
C GLN B 207 10.95 5.73 -10.54
N ALA B 208 10.09 4.90 -9.94
CA ALA B 208 8.77 4.68 -10.51
C ALA B 208 7.92 5.94 -10.45
N SER B 209 8.03 6.71 -9.36
CA SER B 209 7.23 7.90 -9.19
C SER B 209 7.67 9.05 -10.09
N SER B 210 8.83 8.97 -10.73
CA SER B 210 9.27 10.01 -11.64
C SER B 210 8.56 9.96 -12.99
N LYS B 211 7.81 8.90 -13.27
CA LYS B 211 7.13 8.72 -14.53
C LYS B 211 5.62 8.89 -14.35
N GLY B 212 4.94 9.17 -15.47
CA GLY B 212 3.51 9.32 -15.44
C GLY B 212 2.80 7.99 -15.20
N HIS B 213 1.68 8.06 -14.50
CA HIS B 213 0.95 6.86 -14.12
C HIS B 213 -0.55 7.16 -14.11
N HIS B 214 -1.34 6.12 -13.86
CA HIS B 214 -2.77 6.24 -13.67
C HIS B 214 -3.13 5.59 -12.34
N PHE B 215 -3.94 6.28 -11.53
CA PHE B 215 -4.42 5.72 -10.28
C PHE B 215 -5.87 6.12 -10.06
N MET B 216 -6.60 5.27 -9.35
CA MET B 216 -8.01 5.51 -9.06
C MET B 216 -8.13 6.48 -7.90
N GLY B 217 -8.70 7.65 -8.17
CA GLY B 217 -8.92 8.65 -7.14
C GLY B 217 -10.30 9.26 -7.22
N VAL B 218 -10.41 10.54 -6.87
CA VAL B 218 -11.68 11.25 -6.93
C VAL B 218 -11.45 12.62 -7.55
N THR B 219 -12.49 13.14 -8.20
CA THR B 219 -12.45 14.52 -8.66
C THR B 219 -12.51 15.47 -7.47
N LYS B 220 -12.39 16.77 -7.74
CA LYS B 220 -12.45 17.75 -6.66
C LYS B 220 -13.82 17.83 -6.01
N ASN B 221 -14.83 17.16 -6.56
CA ASN B 221 -16.16 17.12 -5.97
C ASN B 221 -16.49 15.76 -5.37
N GLY B 222 -15.49 14.88 -5.24
CA GLY B 222 -15.68 13.60 -4.58
C GLY B 222 -16.24 12.50 -5.46
N LEU B 223 -16.06 12.56 -6.77
CA LEU B 223 -16.60 11.57 -7.69
C LEU B 223 -15.47 10.67 -8.19
N ALA B 224 -15.73 9.37 -8.24
CA ALA B 224 -14.72 8.40 -8.63
C ALA B 224 -14.21 8.71 -10.04
N ALA B 225 -12.89 8.77 -10.18
CA ALA B 225 -12.28 9.07 -11.47
C ALA B 225 -10.88 8.48 -11.51
N ILE B 226 -10.41 8.21 -12.72
CA ILE B 226 -9.03 7.78 -12.94
C ILE B 226 -8.23 8.99 -13.38
N THR B 227 -7.04 9.14 -12.81
CA THR B 227 -6.21 10.32 -13.04
C THR B 227 -5.04 9.95 -13.96
N THR B 228 -4.54 10.96 -14.66
CA THR B 228 -3.31 10.86 -15.43
C THR B 228 -2.29 11.79 -14.81
N THR B 229 -1.17 11.23 -14.36
CA THR B 229 -0.16 12.00 -13.66
C THR B 229 0.99 12.35 -14.60
N LYS B 230 1.69 13.43 -14.24
CA LYS B 230 2.82 13.91 -15.04
C LYS B 230 4.13 13.24 -14.64
N GLY B 231 4.30 12.94 -13.36
CA GLY B 231 5.56 12.42 -12.86
C GLY B 231 6.20 13.36 -11.85
N ASN B 232 6.65 12.82 -10.72
CA ASN B 232 7.25 13.60 -9.64
C ASN B 232 8.74 13.30 -9.59
N ASP B 233 9.55 14.31 -9.93
CA ASP B 233 11.00 14.19 -9.88
C ASP B 233 11.60 14.84 -8.64
N HIS B 234 10.78 15.14 -7.64
CA HIS B 234 11.27 15.70 -6.39
C HIS B 234 11.16 14.67 -5.27
N CYS B 235 11.64 13.45 -5.54
CA CYS B 235 11.53 12.35 -4.59
C CYS B 235 12.92 11.94 -4.10
N PHE B 236 12.95 11.38 -2.90
CA PHE B 236 14.19 10.97 -2.25
C PHE B 236 13.90 9.80 -1.32
N ILE B 237 14.95 9.25 -0.74
CA ILE B 237 14.83 8.12 0.17
C ILE B 237 14.99 8.60 1.60
N ILE B 238 14.37 7.87 2.53
CA ILE B 238 14.43 8.19 3.95
C ILE B 238 14.96 6.96 4.68
N LEU B 239 16.18 7.07 5.20
CA LEU B 239 16.73 6.01 6.03
C LEU B 239 16.04 6.03 7.39
N ARG B 240 15.42 4.91 7.75
CA ARG B 240 14.52 4.86 8.88
C ARG B 240 14.83 3.76 9.89
N GLY B 241 15.49 2.69 9.47
CA GLY B 241 15.81 1.58 10.34
C GLY B 241 15.04 0.33 9.97
N GLY B 242 15.31 -0.74 10.72
CA GLY B 242 14.64 -2.00 10.51
C GLY B 242 13.92 -2.51 11.74
N LYS B 243 13.37 -3.72 11.65
CA LYS B 243 12.65 -4.28 12.79
C LYS B 243 13.55 -4.45 14.00
N ASN B 244 14.83 -4.74 13.78
CA ASN B 244 15.77 -4.93 14.88
C ASN B 244 17.15 -4.39 14.50
N LEU B 245 17.20 -3.27 13.80
CA LEU B 245 18.46 -2.69 13.37
C LEU B 245 18.29 -1.19 13.18
N THR B 246 19.43 -0.49 13.15
CA THR B 246 19.48 0.93 12.83
C THR B 246 20.39 1.13 11.63
N ASN B 247 20.05 2.13 10.80
CA ASN B 247 20.79 2.36 9.57
C ASN B 247 21.20 3.82 9.43
N TYR B 248 21.35 4.54 10.54
CA TYR B 248 21.82 5.92 10.49
C TYR B 248 23.33 6.04 10.55
N ASP B 249 24.05 4.93 10.74
CA ASP B 249 25.48 4.98 10.92
C ASP B 249 26.20 5.25 9.60
N LEU B 250 27.52 5.39 9.69
CA LEU B 250 28.32 5.68 8.51
C LEU B 250 28.33 4.51 7.54
N GLN B 251 28.31 3.28 8.06
CA GLN B 251 28.33 2.10 7.20
C GLN B 251 27.08 2.03 6.34
N SER B 252 25.91 2.33 6.92
CA SER B 252 24.66 2.18 6.18
C SER B 252 24.48 3.31 5.16
N VAL B 253 24.89 4.53 5.52
CA VAL B 253 24.69 5.66 4.61
C VAL B 253 25.50 5.48 3.34
N GLN B 254 26.73 4.95 3.46
CA GLN B 254 27.56 4.76 2.27
C GLN B 254 27.12 3.55 1.47
N SER B 255 26.55 2.52 2.12
CA SER B 255 25.99 1.41 1.37
C SER B 255 24.85 1.89 0.48
N ALA B 256 24.00 2.78 0.99
CA ALA B 256 22.96 3.38 0.17
C ALA B 256 23.57 4.30 -0.89
N LYS B 257 24.62 5.02 -0.54
CA LYS B 257 25.26 5.93 -1.48
C LYS B 257 25.83 5.17 -2.67
N SER B 258 26.43 4.00 -2.42
CA SER B 258 26.90 3.16 -3.52
C SER B 258 25.74 2.51 -4.26
N ALA B 259 24.63 2.27 -3.58
CA ALA B 259 23.44 1.75 -4.25
C ALA B 259 22.81 2.83 -5.14
N ILE B 260 22.82 4.08 -4.66
CA ILE B 260 22.35 5.20 -5.49
C ILE B 260 23.25 5.37 -6.71
N ALA B 261 24.55 5.09 -6.55
CA ALA B 261 25.48 5.25 -7.67
C ALA B 261 25.18 4.29 -8.81
N LYS B 262 24.55 3.15 -8.51
CA LYS B 262 24.19 2.18 -9.53
C LYS B 262 22.73 2.27 -9.94
N SER B 263 22.01 3.29 -9.48
CA SER B 263 20.62 3.49 -9.85
C SER B 263 20.55 4.26 -11.17
N SER B 264 19.34 4.61 -11.60
CA SER B 264 19.18 5.39 -12.82
C SER B 264 19.39 6.88 -12.59
N ASN B 265 19.32 7.33 -11.34
CA ASN B 265 19.59 8.72 -10.97
C ASN B 265 20.53 8.71 -9.77
N PRO B 266 21.82 8.96 -9.98
CA PRO B 266 22.77 9.04 -8.85
C PRO B 266 22.68 10.34 -8.05
N ASN B 267 21.65 11.15 -8.27
CA ASN B 267 21.47 12.39 -7.53
C ASN B 267 20.48 12.23 -6.38
N ILE B 268 20.06 11.00 -6.07
CA ILE B 268 19.13 10.78 -4.97
C ILE B 268 19.85 11.10 -3.66
N LYS B 269 19.29 12.04 -2.90
CA LYS B 269 19.82 12.39 -1.60
C LYS B 269 19.14 11.60 -0.50
N ILE B 270 19.81 11.49 0.65
CA ILE B 270 19.38 10.64 1.75
C ILE B 270 18.93 11.52 2.91
N MET B 271 17.77 11.22 3.46
CA MET B 271 17.29 11.81 4.70
C MET B 271 17.23 10.73 5.77
N ILE B 272 17.62 11.09 6.99
CA ILE B 272 17.69 10.14 8.10
C ILE B 272 16.53 10.40 9.05
N ASP B 273 15.75 9.36 9.33
CA ASP B 273 14.74 9.42 10.38
C ASP B 273 15.43 9.20 11.72
N CYS B 274 15.52 10.25 12.54
CA CYS B 274 16.19 10.17 13.82
C CYS B 274 15.36 9.46 14.88
N SER B 275 14.09 9.18 14.61
CA SER B 275 13.24 8.49 15.57
C SER B 275 12.83 7.12 15.05
N HIS B 276 11.66 6.65 15.46
CA HIS B 276 11.07 5.39 14.99
C HIS B 276 12.07 4.27 15.31
N ASP B 277 12.36 3.37 14.36
CA ASP B 277 13.24 2.25 14.65
C ASP B 277 14.70 2.66 14.76
N ASN B 278 15.07 3.82 14.23
CA ASN B 278 16.45 4.29 14.35
C ASN B 278 16.77 4.75 15.76
N SER B 279 15.75 5.07 16.56
CA SER B 279 15.92 5.42 17.97
C SER B 279 15.42 4.32 18.90
N LYS B 280 15.09 3.15 18.35
CA LYS B 280 14.51 2.04 19.12
C LYS B 280 13.22 2.47 19.81
N LYS B 281 12.45 3.34 19.14
CA LYS B 281 11.20 3.87 19.67
C LYS B 281 11.40 4.53 21.04
N ASP B 282 12.53 5.21 21.19
CA ASP B 282 12.88 5.90 22.43
C ASP B 282 13.19 7.35 22.08
N TYR B 283 12.44 8.29 22.67
CA TYR B 283 12.69 9.70 22.43
C TYR B 283 14.02 10.15 23.00
N ARG B 284 14.59 9.42 23.96
CA ARG B 284 15.85 9.82 24.56
C ARG B 284 17.05 9.60 23.63
N ASN B 285 16.93 8.69 22.67
CA ASN B 285 18.03 8.42 21.74
C ASN B 285 18.01 9.32 20.51
N GLN B 286 16.96 10.11 20.33
CA GLN B 286 16.90 10.99 19.16
C GLN B 286 18.06 11.99 19.09
N PRO B 287 18.44 12.69 20.17
CA PRO B 287 19.58 13.60 20.05
C PRO B 287 20.89 12.89 19.73
N ALA B 288 21.10 11.69 20.26
CA ALA B 288 22.33 10.96 19.96
C ALA B 288 22.36 10.53 18.49
N VAL B 289 21.21 10.17 17.93
CA VAL B 289 21.16 9.79 16.52
C VAL B 289 21.43 11.00 15.63
N LEU B 290 20.81 12.14 15.95
CA LEU B 290 21.05 13.34 15.16
C LEU B 290 22.49 13.81 15.29
N GLU B 291 23.08 13.66 16.49
CA GLU B 291 24.47 14.04 16.67
C GLU B 291 25.39 13.25 15.74
N ASP B 292 25.09 11.97 15.54
CA ASP B 292 25.84 11.17 14.57
C ASP B 292 25.58 11.64 13.15
N VAL B 293 24.35 11.94 12.82
CA VAL B 293 24.03 12.37 11.49
C VAL B 293 24.70 13.67 11.22
N SER B 294 24.76 14.51 12.22
CA SER B 294 25.41 15.79 12.09
C SER B 294 26.89 15.67 11.80
N ARG B 295 27.53 14.66 12.32
CA ARG B 295 28.94 14.51 12.07
C ARG B 295 29.25 14.10 10.66
N GLN B 296 28.51 13.17 10.06
CA GLN B 296 28.85 12.82 8.69
C GLN B 296 28.58 14.01 7.77
N ILE B 297 27.65 14.83 8.17
CA ILE B 297 27.34 16.00 7.43
C ILE B 297 28.51 16.91 7.52
N GLU B 298 29.00 17.12 8.71
CA GLU B 298 30.11 18.04 8.91
C GLU B 298 31.48 17.53 8.51
N ALA B 299 31.61 16.27 8.12
CA ALA B 299 32.91 15.78 7.77
C ALA B 299 33.00 16.00 6.30
N GLY B 300 31.88 16.23 5.64
CA GLY B 300 31.97 16.52 4.21
C GLY B 300 30.91 15.83 3.37
N GLU B 301 30.02 15.06 3.98
CA GLU B 301 29.08 14.24 3.24
C GLU B 301 27.93 15.10 2.72
N ASN B 302 27.85 15.25 1.40
CA ASN B 302 26.79 16.01 0.75
C ASN B 302 25.57 15.16 0.42
N ALA B 303 25.68 13.83 0.52
CA ALA B 303 24.53 12.97 0.24
C ALA B 303 23.45 13.14 1.30
N LEU B 304 23.84 13.44 2.54
CA LEU B 304 22.87 13.72 3.59
C LEU B 304 22.19 15.05 3.28
N MET B 305 20.87 15.02 3.13
CA MET B 305 20.09 16.20 2.79
C MET B 305 19.19 16.68 3.91
N GLY B 306 18.86 15.84 4.87
CA GLY B 306 17.93 16.24 5.91
C GLY B 306 17.74 15.15 6.94
N VAL B 307 16.94 15.48 7.95
CA VAL B 307 16.64 14.58 9.06
C VAL B 307 15.15 14.65 9.37
N MET B 308 14.69 13.69 10.16
CA MET B 308 13.30 13.63 10.61
C MET B 308 13.30 13.46 12.12
N ILE B 309 12.63 14.37 12.82
CA ILE B 309 12.62 14.39 14.28
C ILE B 309 11.17 14.41 14.76
N GLU B 310 10.87 13.57 15.75
CA GLU B 310 9.57 13.56 16.40
C GLU B 310 9.68 14.38 17.68
N SER B 311 9.07 15.56 17.67
CA SER B 311 9.24 16.54 18.74
C SER B 311 7.89 17.13 19.15
N ASN B 312 7.83 17.62 20.37
CA ASN B 312 6.62 18.24 20.91
C ASN B 312 7.02 19.35 21.86
N ILE B 313 6.01 20.00 22.44
CA ILE B 313 6.29 21.00 23.47
C ILE B 313 6.89 20.34 24.71
N ASN B 314 6.37 19.18 25.08
CA ASN B 314 6.87 18.41 26.20
C ASN B 314 7.31 17.03 25.74
N GLU B 315 8.25 16.44 26.47
CA GLU B 315 8.80 15.14 26.12
C GLU B 315 7.90 14.02 26.62
N GLY B 316 8.18 12.80 26.16
CA GLY B 316 7.47 11.63 26.63
C GLY B 316 6.20 11.34 25.85
N LYS B 317 5.31 10.61 26.52
CA LYS B 317 4.05 10.20 25.93
C LYS B 317 3.00 10.04 27.02
N GLN B 318 1.81 9.66 26.58
CA GLN B 318 0.69 9.41 27.46
C GLN B 318 -0.36 8.60 26.73
N SER B 319 -1.46 8.31 27.40
CA SER B 319 -2.54 7.55 26.82
C SER B 319 -3.81 8.31 27.12
N MET B 320 -4.89 7.98 26.40
CA MET B 320 -6.17 8.67 26.62
C MET B 320 -7.41 7.81 26.64
N PRO B 321 -7.24 6.49 26.63
CA PRO B 321 -8.38 5.60 26.44
C PRO B 321 -9.57 5.54 27.40
N SER B 322 -9.40 5.61 28.71
CA SER B 322 -10.56 5.41 29.55
C SER B 322 -10.81 6.42 30.61
N GLY B 323 -11.87 6.17 31.38
CA GLY B 323 -12.16 7.01 32.53
C GLY B 323 -12.72 8.40 32.26
N ASN B 324 -11.85 9.40 32.33
CA ASN B 324 -12.25 10.80 32.41
C ASN B 324 -12.99 11.31 31.18
N GLU B 325 -13.16 10.46 30.17
CA GLU B 325 -13.97 10.76 29.00
C GLU B 325 -13.45 12.00 28.25
N GLY B 326 -12.14 11.99 27.97
CA GLY B 326 -11.63 12.99 27.05
C GLY B 326 -10.42 13.82 27.48
N LYS B 327 -10.33 15.02 26.91
CA LYS B 327 -9.10 15.79 26.91
C LYS B 327 -8.73 16.35 28.29
N SER B 328 -9.68 16.40 29.23
CA SER B 328 -9.39 17.02 30.51
C SER B 328 -8.33 16.26 31.31
N ALA B 329 -8.15 14.97 31.04
CA ALA B 329 -7.17 14.16 31.74
C ALA B 329 -5.85 14.06 31.00
N LEU B 330 -5.67 14.81 29.93
CA LEU B 330 -4.44 14.79 29.15
C LEU B 330 -3.51 15.92 29.58
N LYS B 331 -2.22 15.66 29.51
CA LYS B 331 -1.23 16.69 29.74
C LYS B 331 -1.04 17.51 28.47
N TYR B 332 -0.76 18.80 28.66
CA TYR B 332 -0.62 19.72 27.53
C TYR B 332 0.71 19.50 26.82
N GLY B 333 0.66 19.44 25.49
CA GLY B 333 1.86 19.32 24.71
C GLY B 333 2.56 17.99 24.77
N VAL B 334 1.87 16.94 25.23
CA VAL B 334 2.43 15.59 25.31
C VAL B 334 1.72 14.72 24.29
N SER B 335 2.50 14.07 23.43
CA SER B 335 1.93 13.20 22.41
C SER B 335 1.26 12.00 23.04
N ILE B 336 0.09 11.63 22.51
CA ILE B 336 -0.59 10.42 22.95
C ILE B 336 -0.25 9.21 22.10
N THR B 337 0.65 9.36 21.12
CA THR B 337 1.12 8.26 20.28
C THR B 337 2.63 8.36 20.14
N ASP B 338 3.30 7.21 20.24
CA ASP B 338 4.77 7.10 20.14
C ASP B 338 5.38 7.95 21.25
N SER B 339 6.50 8.63 21.01
CA SER B 339 7.15 9.43 22.03
C SER B 339 8.01 10.49 21.37
N CYS B 340 7.92 11.72 21.87
CA CYS B 340 8.61 12.85 21.27
C CYS B 340 9.58 13.48 22.27
N VAL B 341 10.50 14.28 21.74
CA VAL B 341 11.43 15.04 22.56
C VAL B 341 10.79 16.36 22.94
N SER B 342 11.24 16.93 24.06
CA SER B 342 10.73 18.22 24.49
C SER B 342 11.14 19.32 23.52
N TRP B 343 10.56 20.50 23.71
CA TRP B 343 10.94 21.63 22.87
C TRP B 343 12.37 22.07 23.16
N ASP B 344 12.77 22.09 24.43
CA ASP B 344 14.13 22.46 24.79
C ASP B 344 15.15 21.54 24.13
N THR B 345 14.85 20.23 24.10
CA THR B 345 15.73 19.29 23.41
C THR B 345 15.79 19.60 21.92
N THR B 346 14.65 19.91 21.31
CA THR B 346 14.61 20.21 19.88
C THR B 346 15.49 21.41 19.54
N VAL B 347 15.53 22.41 20.42
CA VAL B 347 16.38 23.57 20.18
C VAL B 347 17.85 23.17 20.16
N LYS B 348 18.25 22.30 21.09
CA LYS B 348 19.62 21.79 21.08
C LYS B 348 19.90 21.01 19.81
N MET B 349 18.94 20.21 19.36
CA MET B 349 19.14 19.38 18.18
C MET B 349 19.26 20.22 16.91
N LEU B 350 18.39 21.21 16.74
CA LEU B 350 18.43 22.03 15.54
C LEU B 350 19.67 22.90 15.49
N ASN B 351 20.09 23.44 16.63
CA ASN B 351 21.27 24.31 16.65
C ASN B 351 22.55 23.53 16.34
N ASN B 352 22.62 22.27 16.77
CA ASN B 352 23.78 21.46 16.44
C ASN B 352 23.79 21.08 14.96
N LEU B 353 22.62 20.76 14.41
CA LEU B 353 22.54 20.47 12.98
C LEU B 353 22.84 21.70 12.14
N ALA B 354 22.49 22.89 12.63
CA ALA B 354 22.78 24.11 11.89
C ALA B 354 24.27 24.32 11.75
N ARG B 355 25.01 24.25 12.87
CA ARG B 355 26.47 24.37 12.81
C ARG B 355 27.08 23.27 11.94
N ALA B 356 26.39 22.14 11.84
CA ALA B 356 26.83 21.09 10.92
C ALA B 356 26.78 21.56 9.47
N VAL B 357 25.63 22.09 9.06
CA VAL B 357 25.52 22.61 7.69
C VAL B 357 26.52 23.72 7.45
N GLN B 358 26.87 24.48 8.50
CA GLN B 358 27.85 25.54 8.35
C GLN B 358 29.22 24.99 7.99
N LYS B 359 29.71 24.02 8.75
CA LYS B 359 31.06 23.52 8.55
C LYS B 359 31.19 22.65 7.31
N ARG B 360 30.09 22.05 6.85
CA ARG B 360 30.12 21.40 5.54
C ARG B 360 30.21 22.42 4.42
N ARG B 361 29.53 23.57 4.58
CA ARG B 361 29.61 24.63 3.59
C ARG B 361 31.03 25.16 3.47
N GLN B 362 31.78 25.20 4.57
CA GLN B 362 33.16 25.67 4.52
C GLN B 362 34.07 24.65 3.83
N LYS B 363 33.72 23.37 3.91
CA LYS B 363 34.52 22.32 3.27
C LYS B 363 34.27 22.23 1.77
N ASN B 364 33.29 22.95 1.23
CA ASN B 364 32.95 22.90 -0.18
C ASN B 364 33.43 24.12 -0.95
N GLY B 365 34.04 25.09 -0.28
CA GLY B 365 34.53 26.29 -0.94
C GLY B 365 35.75 26.03 -1.82
#